data_8JWU
#
_entry.id   8JWU
#
_cell.length_a   210.540
_cell.length_b   102.050
_cell.length_c   78.640
_cell.angle_alpha   90.000
_cell.angle_beta   95.922
_cell.angle_gamma   90.000
#
_symmetry.space_group_name_H-M   'C 1 2 1'
#
loop_
_entity.id
_entity.type
_entity.pdbx_description
1 polymer 'PHD finger protein 7,Ubiquitin-conjugating enzyme E2 D2'
2 non-polymer 'ZINC ION'
#
_entity_poly.entity_id   1
_entity_poly.type   'polypeptide(L)'
_entity_poly.pdbx_seq_one_letter_code
;GPTETSQVAPAGIQSSSPVCLLCLQEPGDPEKLGEFLQKDNLCVHYFCLILSSRLPQKGQPNRGLHGFMPEDIKREAVRA
SKKICFVCKKKGAAIRCQNDQCVQNFHLPCGQERGCLSQFFGEYKSYCRKHRPTQNIHQGSLGEESCVLCCENLSRTSVE
NIQSPCCSQAIYHRKCIQKYAHTSAKHFFKCPQCNNREEFPQEMLRMGIHIPDRDAAWELEPGAFSELYQRYRHCDAPIC
LYEQGRDSFEDEGRWRLILCATCGSHGTHRDCSSLRPNSKKWECNECLPASTTSGSTGSGGGSGGGSGGASMALKRIHKE
LNDLARDPPAQCRAGPVGDDMFHWQATIMGPNDSPYQGGVFFLTIHFPTDYPFKPPKVAFTTRIYHPNINSNGSIKLDIL
RSQWSPALTISKVLLSICSLLCDPNPDDPLVPEIARIYKTDREKYNRIAREWTQKYAM
;
_entity_poly.pdbx_strand_id   A,B,C
#
# COMPACT_ATOMS: atom_id res chain seq x y z
N PRO A 18 18.26 -2.79 -8.61
CA PRO A 18 17.23 -2.35 -7.66
C PRO A 18 17.67 -1.13 -6.84
N VAL A 19 17.56 0.06 -7.42
CA VAL A 19 17.94 1.30 -6.76
C VAL A 19 16.78 2.28 -6.84
N CYS A 20 16.74 3.22 -5.88
CA CYS A 20 15.69 4.21 -5.84
C CYS A 20 15.70 5.08 -7.10
N LEU A 21 14.50 5.34 -7.63
CA LEU A 21 14.40 6.16 -8.84
C LEU A 21 14.86 7.59 -8.60
N LEU A 22 14.78 8.07 -7.36
CA LEU A 22 15.13 9.45 -7.05
C LEU A 22 16.59 9.57 -6.60
N CYS A 23 16.97 8.87 -5.53
CA CYS A 23 18.31 9.02 -4.98
C CYS A 23 19.33 8.11 -5.65
N LEU A 24 18.91 7.22 -6.55
CA LEU A 24 19.80 6.32 -7.27
C LEU A 24 20.68 5.52 -6.31
N GLN A 25 20.07 5.01 -5.24
CA GLN A 25 20.81 4.30 -4.19
C GLN A 25 20.06 3.04 -3.78
N GLU A 26 20.80 2.18 -3.07
CA GLU A 26 20.27 0.92 -2.56
C GLU A 26 19.28 1.17 -1.42
N PRO A 27 18.44 0.18 -1.11
CA PRO A 27 17.49 0.37 0.01
C PRO A 27 18.18 0.55 1.35
N GLY A 28 19.24 -0.22 1.62
CA GLY A 28 20.01 -0.05 2.83
C GLY A 28 19.24 -0.17 4.13
N ASP A 29 18.96 0.96 4.75
CA ASP A 29 18.22 0.99 6.02
C ASP A 29 16.88 1.68 5.83
N PRO A 30 15.76 0.95 5.93
CA PRO A 30 14.44 1.60 5.86
C PRO A 30 14.19 2.63 6.94
N GLU A 31 14.86 2.53 8.09
CA GLU A 31 14.66 3.52 9.14
C GLU A 31 15.30 4.86 8.79
N LYS A 32 16.35 4.85 7.96
CA LYS A 32 17.04 6.08 7.59
C LYS A 32 16.65 6.62 6.22
N LEU A 33 16.12 5.76 5.34
CA LEU A 33 15.73 6.19 4.00
C LEU A 33 14.28 5.88 3.66
N GLY A 34 13.53 5.30 4.58
CA GLY A 34 12.15 4.93 4.31
C GLY A 34 12.04 3.52 3.78
N GLU A 35 10.83 2.96 3.88
CA GLU A 35 10.60 1.62 3.39
C GLU A 35 10.80 1.58 1.88
N PHE A 36 11.68 0.71 1.40
CA PHE A 36 11.87 0.57 -0.03
C PHE A 36 10.67 -0.18 -0.59
N LEU A 37 10.02 0.41 -1.57
CA LEU A 37 8.77 -0.11 -2.12
C LEU A 37 8.96 -0.52 -3.57
N GLN A 38 8.47 -1.70 -3.93
CA GLN A 38 8.62 -2.20 -5.29
C GLN A 38 7.24 -2.39 -5.88
N LYS A 39 6.40 -1.36 -5.81
CA LYS A 39 5.01 -1.42 -6.24
C LYS A 39 4.85 -0.70 -7.57
N ASP A 40 3.91 -1.20 -8.38
CA ASP A 40 3.56 -0.60 -9.67
C ASP A 40 4.77 -0.48 -10.58
N ASN A 41 5.62 -1.51 -10.56
CA ASN A 41 6.86 -1.58 -11.35
C ASN A 41 7.84 -0.47 -10.99
N LEU A 42 7.55 0.30 -9.94
CA LEU A 42 8.39 1.40 -9.50
C LEU A 42 9.14 1.01 -8.23
N CYS A 43 10.37 1.52 -8.10
CA CYS A 43 11.22 1.25 -6.96
C CYS A 43 11.76 2.57 -6.42
N VAL A 44 11.26 2.98 -5.27
CA VAL A 44 11.56 4.30 -4.71
C VAL A 44 11.49 4.21 -3.19
N HIS A 45 12.34 5.01 -2.52
CA HIS A 45 12.28 5.11 -1.07
C HIS A 45 11.07 5.93 -0.64
N TYR A 46 10.51 5.59 0.51
CA TYR A 46 9.40 6.35 1.06
C TYR A 46 9.82 7.76 1.44
N PHE A 47 10.98 7.88 2.11
CA PHE A 47 11.46 9.21 2.50
C PHE A 47 11.81 10.06 1.29
N CYS A 48 12.48 9.46 0.30
CA CYS A 48 12.75 10.18 -0.94
C CYS A 48 11.45 10.65 -1.58
N LEU A 49 10.43 9.81 -1.53
CA LEU A 49 9.14 10.12 -2.13
C LEU A 49 8.46 11.30 -1.43
N ILE A 50 8.35 11.24 -0.10
CA ILE A 50 7.62 12.28 0.61
C ILE A 50 8.42 13.58 0.66
N LEU A 51 9.74 13.49 0.83
CA LEU A 51 10.56 14.69 0.99
C LEU A 51 10.83 15.41 -0.31
N SER A 52 10.48 14.82 -1.45
CA SER A 52 10.63 15.50 -2.73
C SER A 52 9.83 16.79 -2.73
N SER A 53 10.43 17.88 -3.19
CA SER A 53 9.81 19.19 -3.07
C SER A 53 8.67 19.38 -4.06
N ARG A 54 8.78 18.77 -5.25
CA ARG A 54 7.78 19.01 -6.30
C ARG A 54 6.52 18.17 -6.14
N LEU A 55 6.61 16.99 -5.51
CA LEU A 55 5.52 16.01 -5.57
C LEU A 55 4.24 16.50 -4.90
N PRO A 56 3.10 16.54 -5.62
CA PRO A 56 1.90 17.20 -5.11
C PRO A 56 0.88 16.30 -4.43
N GLN A 57 1.03 14.98 -4.54
CA GLN A 57 0.05 14.00 -4.06
C GLN A 57 -1.30 14.20 -4.74
N LYS A 58 -1.31 13.93 -6.05
CA LYS A 58 -2.52 14.10 -6.85
C LYS A 58 -3.46 12.90 -6.78
N GLY A 59 -3.18 11.91 -5.94
CA GLY A 59 -4.02 10.74 -5.85
C GLY A 59 -4.42 10.46 -4.41
N GLN A 60 -5.48 9.66 -4.29
CA GLN A 60 -5.95 9.23 -2.98
C GLN A 60 -4.94 8.28 -2.32
N PRO A 61 -4.95 8.20 -0.99
CA PRO A 61 -3.97 7.33 -0.31
C PRO A 61 -4.05 5.87 -0.72
N ASN A 62 -5.24 5.35 -1.01
CA ASN A 62 -5.39 3.95 -1.41
C ASN A 62 -4.70 3.68 -2.75
N LEU A 65 1.19 5.40 -4.49
CA LEU A 65 2.17 5.23 -3.42
C LEU A 65 2.01 6.33 -2.38
N HIS A 66 1.33 6.00 -1.29
CA HIS A 66 1.02 6.95 -0.21
C HIS A 66 0.41 8.23 -0.79
N GLY A 67 -0.46 8.07 -1.78
CA GLY A 67 -1.11 9.20 -2.42
C GLY A 67 -0.37 9.80 -3.60
N PHE A 68 0.84 9.34 -3.91
CA PHE A 68 1.58 9.84 -5.06
C PHE A 68 1.40 8.86 -6.21
N MET A 69 0.84 9.34 -7.32
CA MET A 69 0.63 8.50 -8.49
C MET A 69 1.97 8.21 -9.18
N PRO A 70 2.03 7.13 -9.96
CA PRO A 70 3.26 6.86 -10.73
C PRO A 70 3.63 7.99 -11.68
N GLU A 71 2.65 8.67 -12.26
CA GLU A 71 2.95 9.72 -13.23
C GLU A 71 3.67 10.89 -12.57
N ASP A 72 3.22 11.29 -11.38
CA ASP A 72 3.91 12.35 -10.66
C ASP A 72 5.33 11.93 -10.27
N ILE A 73 5.51 10.66 -9.93
CA ILE A 73 6.86 10.16 -9.64
C ILE A 73 7.75 10.24 -10.87
N LYS A 74 7.22 9.87 -12.04
CA LYS A 74 8.01 9.97 -13.27
C LYS A 74 8.36 11.42 -13.59
N ARG A 75 7.39 12.33 -13.42
CA ARG A 75 7.66 13.74 -13.68
C ARG A 75 8.70 14.28 -12.71
N GLU A 76 8.63 13.87 -11.43
CA GLU A 76 9.62 14.31 -10.46
C GLU A 76 11.00 13.76 -10.80
N ALA A 77 11.08 12.52 -11.29
CA ALA A 77 12.37 11.99 -11.69
C ALA A 77 12.95 12.73 -12.90
N VAL A 78 12.09 13.06 -13.86
CA VAL A 78 12.54 13.83 -15.01
C VAL A 78 13.06 15.20 -14.57
N ARG A 79 12.32 15.86 -13.67
CA ARG A 79 12.77 17.17 -13.18
C ARG A 79 14.03 17.04 -12.32
N ALA A 80 14.20 15.90 -11.66
CA ALA A 80 15.37 15.69 -10.81
C ALA A 80 16.62 15.50 -11.66
N SER A 81 16.49 14.82 -12.80
CA SER A 81 17.64 14.66 -13.68
C SER A 81 18.15 16.01 -14.19
N LYS A 82 17.31 17.05 -14.12
CA LYS A 82 17.71 18.40 -14.52
C LYS A 82 18.69 19.04 -13.55
N LYS A 83 18.77 18.53 -12.32
CA LYS A 83 19.54 19.17 -11.26
C LYS A 83 20.58 18.22 -10.71
N ILE A 84 21.64 18.80 -10.15
CA ILE A 84 22.84 18.10 -9.74
C ILE A 84 22.97 18.17 -8.23
N CYS A 85 23.49 17.14 -7.57
CA CYS A 85 23.67 17.11 -6.11
C CYS A 85 24.86 17.87 -5.68
N PHE A 86 24.81 18.45 -4.51
CA PHE A 86 25.94 19.28 -4.14
C PHE A 86 27.02 18.53 -3.42
N VAL A 87 26.84 17.23 -3.23
CA VAL A 87 27.83 16.48 -2.49
C VAL A 87 28.60 15.61 -3.46
N CYS A 88 27.88 15.00 -4.37
CA CYS A 88 28.49 14.04 -5.32
C CYS A 88 28.49 14.45 -6.79
N LYS A 89 28.14 15.70 -7.08
CA LYS A 89 28.16 16.25 -8.43
C LYS A 89 27.42 15.39 -9.44
N LYS A 90 26.56 14.49 -8.97
CA LYS A 90 25.82 13.57 -9.83
C LYS A 90 24.38 14.04 -9.99
N LYS A 91 23.83 13.86 -11.19
CA LYS A 91 22.47 14.27 -11.46
C LYS A 91 21.47 13.37 -10.74
N GLY A 92 20.20 13.78 -10.77
CA GLY A 92 19.13 13.03 -10.15
C GLY A 92 18.65 13.56 -8.82
N ALA A 93 19.17 14.69 -8.37
CA ALA A 93 18.75 15.27 -7.10
C ALA A 93 17.40 15.97 -7.27
N ALA A 94 16.51 15.73 -6.31
CA ALA A 94 15.18 16.30 -6.33
C ALA A 94 14.84 17.13 -5.11
N ILE A 95 15.49 16.91 -3.97
CA ILE A 95 15.15 17.65 -2.76
C ILE A 95 15.92 18.97 -2.77
N ARG A 96 15.19 20.07 -2.60
CA ARG A 96 15.72 21.42 -2.78
C ARG A 96 15.57 22.20 -1.50
N CYS A 97 16.69 22.61 -0.90
CA CYS A 97 16.66 23.43 0.31
C CYS A 97 15.59 24.51 0.24
N GLN A 98 14.61 24.45 1.08
CA GLN A 98 13.53 25.37 0.81
C GLN A 98 13.73 26.85 1.07
N ASN A 99 14.86 27.27 1.56
CA ASN A 99 15.10 28.71 1.66
C ASN A 99 14.84 29.47 0.37
N ASP A 100 14.20 30.64 0.50
CA ASP A 100 13.84 31.41 -0.69
C ASP A 100 15.07 31.81 -1.49
N GLN A 101 16.21 31.96 -0.83
CA GLN A 101 17.45 32.39 -1.46
C GLN A 101 18.36 31.22 -1.82
N CYS A 102 18.48 30.24 -0.94
CA CYS A 102 19.36 29.10 -1.16
C CYS A 102 18.90 28.30 -2.39
N VAL A 103 19.87 27.75 -3.12
CA VAL A 103 19.62 26.94 -4.31
C VAL A 103 20.35 25.61 -4.21
N GLN A 104 20.57 25.13 -2.97
CA GLN A 104 21.32 23.89 -2.72
C GLN A 104 20.42 22.64 -2.87
N ASN A 105 20.50 21.98 -4.00
CA ASN A 105 19.72 20.76 -4.12
C ASN A 105 20.55 19.52 -3.90
N PHE A 106 19.93 18.45 -3.46
CA PHE A 106 20.73 17.29 -3.12
C PHE A 106 20.05 15.97 -3.13
N HIS A 107 20.82 14.97 -2.77
CA HIS A 107 20.27 13.66 -2.67
C HIS A 107 19.98 13.37 -1.21
N LEU A 108 18.90 12.69 -0.92
CA LEU A 108 18.53 12.42 0.47
C LEU A 108 19.67 11.77 1.26
N PRO A 109 20.29 10.67 0.81
CA PRO A 109 21.43 10.13 1.58
C PRO A 109 22.59 11.10 1.67
N CYS A 110 22.85 11.84 0.61
CA CYS A 110 23.92 12.82 0.66
C CYS A 110 23.61 13.82 1.76
N GLY A 111 22.45 14.45 1.66
CA GLY A 111 22.07 15.44 2.66
C GLY A 111 22.13 14.90 4.08
N GLN A 112 21.70 13.64 4.27
CA GLN A 112 21.79 13.03 5.58
C GLN A 112 23.25 12.93 6.04
N GLU A 113 24.14 12.53 5.15
CA GLU A 113 25.54 12.37 5.52
C GLU A 113 26.20 13.71 5.83
N ARG A 114 25.95 14.73 5.01
CA ARG A 114 26.64 16.00 5.19
C ARG A 114 25.98 16.91 6.22
N GLY A 115 24.84 16.52 6.79
CA GLY A 115 24.21 17.29 7.85
C GLY A 115 22.95 18.04 7.49
N CYS A 116 22.33 17.76 6.36
CA CYS A 116 21.09 18.42 6.02
C CYS A 116 19.94 17.86 6.86
N LEU A 117 18.88 18.68 6.99
CA LEU A 117 17.74 18.35 7.82
C LEU A 117 16.46 18.43 7.00
N SER A 118 15.59 17.44 7.19
CA SER A 118 14.32 17.36 6.47
C SER A 118 13.18 17.32 7.46
N GLN A 119 12.21 18.23 7.29
CA GLN A 119 11.04 18.28 8.15
C GLN A 119 10.00 17.25 7.71
N PHE A 120 9.19 16.81 8.67
CA PHE A 120 8.17 15.80 8.44
C PHE A 120 6.79 16.29 8.87
N PHE A 121 6.52 17.58 8.66
CA PHE A 121 5.19 18.13 8.90
C PHE A 121 4.89 19.18 7.84
N GLY A 122 3.60 19.30 7.50
CA GLY A 122 3.18 20.28 6.52
C GLY A 122 3.73 20.00 5.14
N GLU A 123 4.49 20.96 4.60
CA GLU A 123 5.02 20.86 3.24
C GLU A 123 6.11 19.80 3.11
N TYR A 124 6.58 19.23 4.22
CA TYR A 124 7.71 18.28 4.21
C TYR A 124 8.93 18.92 3.55
N LYS A 125 9.34 20.05 4.12
CA LYS A 125 10.38 20.88 3.53
C LYS A 125 11.72 20.57 4.17
N SER A 126 12.76 20.50 3.34
CA SER A 126 14.11 20.19 3.79
C SER A 126 14.95 21.46 3.86
N TYR A 127 16.14 21.31 4.44
CA TYR A 127 17.04 22.44 4.62
C TYR A 127 18.48 21.94 4.58
N CYS A 128 19.37 22.79 4.07
CA CYS A 128 20.78 22.44 3.97
C CYS A 128 21.48 22.66 5.31
N ARG A 129 22.78 22.36 5.35
CA ARG A 129 23.55 22.57 6.57
C ARG A 129 23.66 24.04 6.92
N LYS A 130 23.82 24.91 5.91
CA LYS A 130 23.92 26.35 6.17
C LYS A 130 22.63 26.88 6.75
N HIS A 131 21.50 26.56 6.13
CA HIS A 131 20.18 27.04 6.54
C HIS A 131 19.48 25.89 7.22
N ARG A 132 19.44 25.87 8.54
CA ARG A 132 18.79 24.75 9.21
C ARG A 132 18.23 25.20 10.56
N PRO A 133 17.11 24.63 11.00
CA PRO A 133 16.61 24.92 12.35
C PRO A 133 17.65 24.55 13.40
N THR A 134 17.71 25.34 14.46
CA THR A 134 18.77 25.20 15.45
C THR A 134 18.21 25.44 16.85
N GLN A 135 18.89 24.87 17.83
CA GLN A 135 18.53 24.93 19.24
C GLN A 135 19.67 25.57 20.02
N ASN A 136 19.31 26.30 21.07
CA ASN A 136 20.30 27.02 21.86
C ASN A 136 21.11 26.11 22.79
N ILE A 137 20.75 24.83 22.90
CA ILE A 137 21.37 23.85 23.79
C ILE A 137 21.97 24.43 25.07
N GLU A 145 26.97 14.71 30.09
CA GLU A 145 25.87 13.85 30.52
C GLU A 145 25.63 12.73 29.50
N SER A 146 24.45 12.12 29.54
CA SER A 146 24.21 10.92 28.76
C SER A 146 22.76 10.86 28.29
N CYS A 147 22.55 10.14 27.20
CA CYS A 147 21.21 9.87 26.68
C CYS A 147 20.59 8.74 27.50
N VAL A 148 19.49 9.04 28.18
CA VAL A 148 18.86 8.06 29.06
C VAL A 148 18.41 6.83 28.27
N LEU A 149 18.03 7.04 27.01
CA LEU A 149 17.49 5.95 26.20
C LEU A 149 18.55 4.90 25.90
N CYS A 150 19.74 5.33 25.46
CA CYS A 150 20.78 4.40 25.05
C CYS A 150 21.82 4.15 26.13
N CYS A 151 21.69 4.82 27.29
CA CYS A 151 22.62 4.67 28.41
C CYS A 151 24.07 4.80 27.95
N GLU A 152 24.33 5.81 27.13
CA GLU A 152 25.66 6.08 26.61
C GLU A 152 25.93 7.58 26.68
N ASN A 153 27.21 7.92 26.74
CA ASN A 153 27.60 9.33 26.78
C ASN A 153 27.14 10.02 25.50
N LEU A 154 26.54 11.19 25.66
CA LEU A 154 26.06 11.94 24.50
C LEU A 154 27.23 12.54 23.73
N SER A 155 27.12 12.53 22.42
CA SER A 155 28.21 12.99 21.57
C SER A 155 28.38 14.51 21.67
N ARG A 156 29.56 14.98 21.28
CA ARG A 156 29.84 16.41 21.29
C ARG A 156 29.37 17.11 20.02
N THR A 157 28.91 16.35 19.02
CA THR A 157 28.37 16.95 17.80
C THR A 157 26.94 17.38 18.06
N SER A 158 26.71 18.69 18.07
CA SER A 158 25.37 19.21 18.35
C SER A 158 24.36 18.94 17.25
N VAL A 159 24.82 18.48 16.08
CA VAL A 159 23.88 18.17 14.99
C VAL A 159 23.10 16.91 15.30
N GLU A 160 23.75 15.91 15.88
CA GLU A 160 23.15 14.62 16.16
C GLU A 160 22.59 14.51 17.57
N ASN A 161 22.49 15.63 18.30
CA ASN A 161 21.88 15.68 19.62
C ASN A 161 20.72 16.65 19.62
N ILE A 162 19.60 16.24 20.22
CA ILE A 162 18.38 17.02 20.24
C ILE A 162 17.94 17.22 21.69
N GLN A 163 17.43 18.40 22.00
CA GLN A 163 17.09 18.67 23.37
C GLN A 163 15.60 18.84 23.56
N SER A 164 15.06 18.31 24.62
CA SER A 164 13.65 18.49 24.84
C SER A 164 13.39 19.93 25.07
N PRO A 165 12.25 20.37 24.66
CA PRO A 165 11.91 21.75 25.00
C PRO A 165 11.28 21.67 26.35
N CYS A 166 10.51 20.64 26.59
CA CYS A 166 9.75 20.39 27.80
C CYS A 166 10.65 19.88 28.87
N CYS A 167 10.10 19.27 29.90
CA CYS A 167 10.88 18.91 31.07
C CYS A 167 12.14 18.15 30.78
N SER A 168 13.16 18.38 31.61
CA SER A 168 14.49 17.78 31.44
C SER A 168 15.23 18.54 30.41
N GLN A 169 14.57 18.81 29.29
CA GLN A 169 15.27 19.42 28.18
C GLN A 169 16.46 18.53 28.01
N ALA A 170 16.24 17.23 28.05
CA ALA A 170 17.38 16.36 28.07
C ALA A 170 18.02 16.27 26.74
N ILE A 171 19.27 15.92 26.82
CA ILE A 171 20.02 15.78 25.58
C ILE A 171 19.86 14.34 25.16
N TYR A 172 19.52 14.13 23.89
CA TYR A 172 19.25 12.80 23.41
C TYR A 172 19.96 12.64 22.07
N HIS A 173 20.41 11.42 21.78
CA HIS A 173 20.95 11.16 20.47
C HIS A 173 19.82 11.24 19.45
N ARG A 174 20.10 11.85 18.29
CA ARG A 174 19.07 11.97 17.27
C ARG A 174 18.60 10.59 16.82
N LYS A 175 19.53 9.65 16.64
CA LYS A 175 19.17 8.30 16.26
C LYS A 175 18.26 7.65 17.31
N CYS A 176 18.55 7.86 18.59
CA CYS A 176 17.70 7.30 19.64
C CYS A 176 16.29 7.86 19.56
N ILE A 177 16.15 9.17 19.37
CA ILE A 177 14.83 9.77 19.24
C ILE A 177 14.12 9.23 18.02
N GLN A 178 14.85 8.95 16.99
CA GLN A 178 14.13 8.52 15.84
C GLN A 178 13.64 7.16 16.09
N LYS A 179 14.54 6.34 16.55
CA LYS A 179 14.13 4.95 16.80
C LYS A 179 12.92 4.89 17.72
N TYR A 180 12.89 5.76 18.74
CA TYR A 180 11.71 5.89 19.58
C TYR A 180 10.50 6.32 18.77
N ALA A 181 10.70 7.18 17.77
CA ALA A 181 9.62 7.64 16.92
C ALA A 181 9.10 6.52 16.02
N HIS A 182 10.01 5.80 15.36
CA HIS A 182 9.58 4.69 14.51
C HIS A 182 8.88 3.60 15.31
N THR A 183 9.45 3.22 16.46
CA THR A 183 8.87 2.13 17.24
C THR A 183 7.57 2.59 17.91
N SER A 184 7.66 3.58 18.78
CA SER A 184 6.48 4.16 19.40
C SER A 184 5.85 5.14 18.41
N ALA A 185 4.64 4.84 17.96
CA ALA A 185 4.00 5.60 16.90
C ALA A 185 3.62 7.01 17.38
N LYS A 186 2.95 7.74 16.48
CA LYS A 186 2.50 9.09 16.81
C LYS A 186 1.57 9.08 18.02
N HIS A 187 0.71 8.06 18.12
CA HIS A 187 -0.21 7.95 19.22
C HIS A 187 0.51 7.81 20.56
N PHE A 188 1.76 7.34 20.54
CA PHE A 188 2.52 7.09 21.77
C PHE A 188 3.85 7.83 21.81
N PHE A 189 4.13 8.70 20.84
CA PHE A 189 5.36 9.49 20.89
C PHE A 189 5.17 10.65 21.86
N LYS A 190 5.95 10.67 22.93
CA LYS A 190 5.76 11.65 23.99
C LYS A 190 7.08 11.84 24.73
N CYS A 191 7.10 12.84 25.59
CA CYS A 191 8.26 13.05 26.45
C CYS A 191 8.45 11.84 27.34
N PRO A 192 9.65 11.26 27.40
CA PRO A 192 9.86 10.06 28.23
C PRO A 192 9.60 10.30 29.71
N GLN A 193 9.66 11.56 30.18
CA GLN A 193 9.51 11.87 31.59
C GLN A 193 8.14 12.43 31.94
N CYS A 194 7.73 13.54 31.32
CA CYS A 194 6.47 14.18 31.67
C CYS A 194 5.32 13.78 30.76
N ASN A 195 5.58 12.94 29.76
CA ASN A 195 4.57 12.48 28.82
C ASN A 195 3.95 13.64 28.05
N ASN A 196 4.79 14.60 27.65
CA ASN A 196 4.30 15.71 26.84
C ASN A 196 3.92 15.21 25.46
N ARG A 197 2.78 15.67 24.96
CA ARG A 197 2.31 15.27 23.64
C ARG A 197 1.98 16.44 22.72
N GLU A 198 2.22 17.68 23.14
CA GLU A 198 1.95 18.85 22.31
C GLU A 198 3.22 19.60 21.95
N GLU A 199 4.01 20.02 22.94
CA GLU A 199 5.22 20.79 22.63
C GLU A 199 6.36 19.87 22.21
N PHE A 200 6.52 18.73 22.88
CA PHE A 200 7.61 17.81 22.54
C PHE A 200 7.50 17.26 21.12
N PRO A 201 6.37 16.68 20.68
CA PRO A 201 6.30 16.21 19.29
C PRO A 201 6.47 17.32 18.27
N GLN A 202 5.93 18.51 18.54
CA GLN A 202 6.07 19.63 17.60
C GLN A 202 7.53 20.05 17.48
N GLU A 203 8.22 20.19 18.61
CA GLU A 203 9.64 20.54 18.56
C GLU A 203 10.46 19.48 17.84
N MET A 204 10.12 18.20 18.05
CA MET A 204 10.82 17.14 17.33
C MET A 204 10.58 17.24 15.84
N LEU A 205 9.32 17.51 15.44
CA LEU A 205 9.01 17.70 14.03
C LEU A 205 9.79 18.86 13.44
N ARG A 206 9.91 19.96 14.18
CA ARG A 206 10.66 21.11 13.68
C ARG A 206 12.14 20.78 13.49
N MET A 207 12.67 19.88 14.30
CA MET A 207 14.06 19.48 14.22
C MET A 207 14.30 18.30 13.28
N GLY A 208 13.31 17.97 12.44
CA GLY A 208 13.50 16.95 11.44
C GLY A 208 13.43 15.53 11.94
N ILE A 209 12.41 15.22 12.74
CA ILE A 209 12.19 13.88 13.26
C ILE A 209 10.88 13.36 12.67
N HIS A 210 10.94 12.20 12.02
CA HIS A 210 9.76 11.59 11.44
C HIS A 210 8.92 10.96 12.54
N ILE A 211 7.68 11.41 12.68
CA ILE A 211 6.75 10.84 13.65
C ILE A 211 5.64 10.18 12.84
N PRO A 212 5.85 8.96 12.34
CA PRO A 212 4.85 8.34 11.47
C PRO A 212 3.54 8.09 12.20
N ASP A 213 2.44 8.16 11.44
CA ASP A 213 1.11 7.95 11.97
C ASP A 213 0.75 6.49 11.72
N ARG A 214 1.16 5.64 12.66
CA ARG A 214 0.93 4.20 12.59
C ARG A 214 0.52 3.75 13.99
N ASP A 215 0.57 2.45 14.24
CA ASP A 215 0.42 1.90 15.58
C ASP A 215 1.78 1.41 16.06
N ALA A 216 1.89 1.21 17.37
CA ALA A 216 3.16 0.85 17.96
C ALA A 216 3.67 -0.48 17.40
N ALA A 217 5.00 -0.58 17.35
CA ALA A 217 5.63 -1.75 16.73
C ALA A 217 5.29 -3.03 17.49
N TRP A 218 5.28 -2.97 18.82
CA TRP A 218 4.94 -4.16 19.61
C TRP A 218 3.49 -4.57 19.38
N GLU A 219 2.62 -3.61 19.02
CA GLU A 219 1.25 -3.96 18.67
C GLU A 219 1.17 -4.58 17.29
N LEU A 220 2.02 -4.12 16.36
CA LEU A 220 1.94 -4.55 14.97
C LEU A 220 2.48 -5.94 14.73
N GLU A 221 3.44 -6.39 15.54
CA GLU A 221 4.10 -7.66 15.28
C GLU A 221 3.09 -8.80 15.34
N PRO A 222 3.27 -9.84 14.52
CA PRO A 222 2.21 -10.87 14.40
C PRO A 222 1.89 -11.59 15.70
N GLY A 223 2.86 -11.72 16.61
CA GLY A 223 2.56 -12.32 17.90
C GLY A 223 1.53 -11.51 18.67
N ALA A 224 1.59 -10.19 18.56
CA ALA A 224 0.64 -9.26 19.19
C ALA A 224 0.63 -9.53 20.69
N PHE A 225 -0.52 -9.66 21.33
CA PHE A 225 -0.63 -9.97 22.75
C PHE A 225 -1.62 -11.10 22.97
N SER A 226 -1.44 -12.19 22.21
CA SER A 226 -2.30 -13.36 22.34
C SER A 226 -2.29 -13.95 23.74
N GLU A 227 -1.23 -13.69 24.52
CA GLU A 227 -1.20 -14.13 25.90
C GLU A 227 -2.42 -13.63 26.66
N LEU A 228 -2.74 -12.34 26.50
CA LEU A 228 -3.85 -11.71 27.21
C LEU A 228 -5.21 -12.09 26.65
N TYR A 229 -5.28 -12.55 25.39
CA TYR A 229 -6.56 -12.82 24.75
C TYR A 229 -6.99 -14.29 24.83
N GLN A 230 -6.19 -15.16 25.45
CA GLN A 230 -6.57 -16.55 25.62
C GLN A 230 -7.42 -16.72 26.87
N ARG A 231 -8.43 -17.59 26.77
CA ARG A 231 -9.33 -17.92 27.86
C ARG A 231 -9.37 -19.43 28.04
N TYR A 232 -9.69 -19.85 29.25
CA TYR A 232 -9.61 -21.26 29.60
C TYR A 232 -10.68 -22.05 28.86
N ARG A 233 -10.25 -23.06 28.10
CA ARG A 233 -11.15 -23.95 27.36
C ARG A 233 -10.70 -25.38 27.63
N HIS A 234 -11.20 -25.93 28.74
CA HIS A 234 -10.90 -27.32 29.08
C HIS A 234 -11.84 -27.91 30.10
N CYS A 235 -12.35 -29.09 29.83
CA CYS A 235 -13.26 -29.77 30.74
C CYS A 235 -12.39 -30.55 31.72
N ASP A 236 -12.48 -30.22 32.98
CA ASP A 236 -11.58 -30.84 33.91
C ASP A 236 -12.15 -32.12 34.52
N ALA A 237 -13.41 -32.44 34.26
CA ALA A 237 -14.03 -33.58 34.88
C ALA A 237 -13.24 -34.85 34.54
N PRO A 238 -12.98 -35.73 35.49
CA PRO A 238 -12.37 -37.02 35.13
C PRO A 238 -13.26 -37.82 34.22
N ILE A 239 -14.57 -37.75 34.43
CA ILE A 239 -15.56 -38.34 33.56
C ILE A 239 -16.24 -37.21 32.79
N CYS A 240 -15.87 -37.09 31.52
CA CYS A 240 -16.41 -36.11 30.59
C CYS A 240 -17.46 -36.76 29.72
N LEU A 241 -18.46 -35.97 29.30
CA LEU A 241 -19.45 -36.49 28.37
C LEU A 241 -18.85 -36.71 26.98
N TYR A 242 -17.65 -36.20 26.72
CA TYR A 242 -17.02 -36.35 25.43
C TYR A 242 -16.16 -37.61 25.38
N ARG A 246 -13.09 -31.24 24.99
CA ARG A 246 -11.81 -30.61 25.26
C ARG A 246 -11.46 -29.51 24.26
N ASP A 247 -11.06 -29.92 23.05
CA ASP A 247 -10.86 -28.97 21.97
C ASP A 247 -12.09 -28.08 21.75
N SER A 248 -13.22 -28.69 21.42
CA SER A 248 -14.41 -27.96 20.99
C SER A 248 -15.52 -28.11 22.02
N PHE A 249 -16.02 -26.97 22.49
CA PHE A 249 -17.17 -26.87 23.39
C PHE A 249 -18.30 -26.23 22.60
N GLU A 250 -19.49 -26.83 22.63
CA GLU A 250 -20.60 -26.19 21.96
C GLU A 250 -20.89 -24.83 22.58
N ASP A 251 -21.31 -23.89 21.73
CA ASP A 251 -21.60 -22.54 22.18
C ASP A 251 -22.72 -22.54 23.22
N GLU A 252 -23.71 -23.42 23.07
CA GLU A 252 -24.87 -23.40 23.93
C GLU A 252 -25.38 -24.81 24.17
N GLY A 253 -26.14 -24.99 25.26
CA GLY A 253 -26.70 -26.28 25.64
C GLY A 253 -25.96 -26.90 26.80
N ARG A 254 -26.39 -28.12 27.15
CA ARG A 254 -25.68 -28.89 28.16
C ARG A 254 -24.27 -29.26 27.70
N TRP A 255 -23.97 -29.10 26.41
CA TRP A 255 -22.66 -29.39 25.85
C TRP A 255 -21.82 -28.12 25.74
N ARG A 256 -22.21 -27.06 26.46
CA ARG A 256 -21.53 -25.77 26.53
C ARG A 256 -20.39 -25.79 27.54
N LEU A 257 -19.65 -24.69 27.57
CA LEU A 257 -18.59 -24.46 28.55
C LEU A 257 -19.09 -23.59 29.71
N ILE A 258 -18.73 -23.99 30.93
CA ILE A 258 -18.97 -23.21 32.13
C ILE A 258 -17.66 -23.22 32.94
N LEU A 259 -17.33 -22.08 33.53
CA LEU A 259 -16.06 -21.92 34.23
C LEU A 259 -16.28 -21.76 35.73
N CYS A 260 -15.25 -22.12 36.51
CA CYS A 260 -15.32 -22.00 37.96
C CYS A 260 -15.51 -20.56 38.37
N ALA A 261 -16.50 -20.31 39.23
CA ALA A 261 -16.79 -18.97 39.70
C ALA A 261 -15.75 -18.44 40.66
N THR A 262 -14.97 -19.33 41.29
CA THR A 262 -13.99 -18.90 42.30
C THR A 262 -12.66 -18.53 41.68
N CYS A 263 -12.06 -19.43 40.91
CA CYS A 263 -10.76 -19.19 40.30
C CYS A 263 -10.85 -18.80 38.83
N GLY A 264 -11.81 -19.36 38.09
CA GLY A 264 -11.87 -19.19 36.65
C GLY A 264 -10.79 -19.93 35.91
N SER A 265 -9.81 -20.50 36.61
CA SER A 265 -8.75 -21.29 35.99
C SER A 265 -9.22 -22.68 35.61
N HIS A 266 -10.33 -23.14 36.17
CA HIS A 266 -10.82 -24.49 35.92
C HIS A 266 -12.21 -24.50 35.30
N HIS A 269 -17.50 -30.08 30.24
CA HIS A 269 -18.70 -29.56 29.61
C HIS A 269 -19.81 -29.38 30.65
N ARG A 270 -20.86 -28.66 30.26
CA ARG A 270 -21.98 -28.42 31.19
C ARG A 270 -22.68 -29.72 31.57
N ASP A 271 -22.92 -30.59 30.59
CA ASP A 271 -23.56 -31.87 30.91
C ASP A 271 -22.59 -32.76 31.67
N CYS A 272 -21.28 -32.55 31.48
CA CYS A 272 -20.29 -33.22 32.31
C CYS A 272 -20.40 -32.76 33.76
N SER A 273 -20.55 -31.45 33.96
CA SER A 273 -20.76 -30.89 35.29
C SER A 273 -22.00 -31.44 35.94
N SER A 274 -22.96 -31.90 35.15
CA SER A 274 -24.09 -32.68 35.62
C SER A 274 -24.92 -31.93 36.65
N LEU A 275 -24.99 -30.61 36.52
CA LEU A 275 -25.94 -29.79 37.27
C LEU A 275 -26.70 -28.93 36.26
N ARG A 276 -27.98 -28.77 36.51
CA ARG A 276 -28.88 -28.21 35.51
C ARG A 276 -28.46 -26.80 35.14
N PRO A 277 -28.72 -26.39 33.89
CA PRO A 277 -28.35 -25.02 33.49
C PRO A 277 -29.04 -23.97 34.34
N ASN A 278 -30.26 -24.24 34.80
CA ASN A 278 -30.95 -23.41 35.79
C ASN A 278 -30.97 -21.93 35.44
N LYS A 281 -23.94 -21.49 38.47
CA LYS A 281 -22.66 -21.24 39.14
C LYS A 281 -22.06 -22.55 39.67
N TRP A 282 -20.73 -22.62 39.65
CA TRP A 282 -20.00 -23.80 40.05
C TRP A 282 -18.62 -23.41 40.56
N GLU A 283 -18.06 -24.27 41.41
CA GLU A 283 -16.72 -24.11 41.96
C GLU A 283 -15.95 -25.41 41.76
N CYS A 284 -14.67 -25.29 41.41
CA CYS A 284 -13.86 -26.46 41.14
C CYS A 284 -13.43 -27.15 42.43
N ASN A 285 -12.81 -28.33 42.28
CA ASN A 285 -12.42 -29.12 43.44
C ASN A 285 -11.30 -28.45 44.23
N GLU A 286 -10.37 -27.76 43.55
CA GLU A 286 -9.37 -26.99 44.27
C GLU A 286 -10.02 -25.88 45.09
N CYS A 287 -11.13 -25.33 44.60
CA CYS A 287 -11.92 -24.34 45.33
C CYS A 287 -13.03 -24.98 46.15
N LEU A 288 -13.33 -26.26 45.92
CA LEU A 288 -14.35 -27.03 46.63
C LEU A 288 -15.76 -26.49 46.38
N ALA A 310 20.08 -4.15 19.31
CA ALA A 310 20.76 -5.41 19.57
C ALA A 310 21.83 -5.24 20.65
N SER A 311 23.01 -4.75 20.23
CA SER A 311 24.08 -4.50 21.20
C SER A 311 23.70 -3.37 22.14
N MET A 312 23.03 -2.33 21.64
CA MET A 312 22.51 -1.28 22.52
C MET A 312 21.56 -1.86 23.55
N ALA A 313 20.88 -2.96 23.20
CA ALA A 313 19.91 -3.51 24.11
C ALA A 313 20.66 -4.24 25.20
N LEU A 314 21.73 -4.93 24.82
CA LEU A 314 22.49 -5.72 25.78
C LEU A 314 23.16 -4.78 26.77
N LYS A 315 23.71 -3.67 26.26
CA LYS A 315 24.35 -2.68 27.11
C LYS A 315 23.36 -2.09 28.12
N ARG A 316 22.17 -1.71 27.62
CA ARG A 316 21.14 -1.19 28.53
C ARG A 316 20.74 -2.24 29.55
N ILE A 317 20.62 -3.50 29.14
CA ILE A 317 20.22 -4.57 30.04
C ILE A 317 21.26 -4.76 31.12
N HIS A 318 22.54 -4.68 30.77
CA HIS A 318 23.57 -4.82 31.79
C HIS A 318 23.49 -3.67 32.79
N LYS A 319 23.25 -2.46 32.29
CA LYS A 319 23.12 -1.31 33.19
C LYS A 319 21.93 -1.46 34.12
N GLU A 320 20.77 -1.88 33.58
CA GLU A 320 19.59 -2.06 34.40
C GLU A 320 19.77 -3.18 35.42
N LEU A 321 20.47 -4.24 35.04
CA LEU A 321 20.76 -5.32 35.98
C LEU A 321 21.60 -4.79 37.14
N ASN A 322 22.62 -4.00 36.84
CA ASN A 322 23.46 -3.45 37.91
C ASN A 322 22.65 -2.51 38.81
N ASP A 323 21.78 -1.69 38.20
CA ASP A 323 20.96 -0.78 39.01
C ASP A 323 20.02 -1.57 39.92
N LEU A 324 19.46 -2.67 39.40
CA LEU A 324 18.58 -3.52 40.20
C LEU A 324 19.36 -4.18 41.33
N ALA A 325 20.63 -4.51 41.08
CA ALA A 325 21.46 -5.12 42.12
C ALA A 325 21.79 -4.13 43.21
N ARG A 326 21.92 -2.85 42.85
CA ARG A 326 22.30 -1.80 43.79
C ARG A 326 21.09 -1.35 44.62
N ASP A 327 19.93 -1.26 43.97
CA ASP A 327 18.70 -0.78 44.59
C ASP A 327 17.51 -1.63 44.20
N PRO A 328 17.31 -2.75 44.88
CA PRO A 328 16.21 -3.66 44.50
C PRO A 328 14.88 -3.01 44.86
N PRO A 329 13.90 -3.08 43.96
CA PRO A 329 12.55 -2.56 44.25
C PRO A 329 11.83 -3.15 45.45
N ALA A 330 11.56 -4.45 45.45
CA ALA A 330 10.86 -5.05 46.57
C ALA A 330 11.58 -6.36 46.92
N GLN A 331 12.89 -6.27 47.13
CA GLN A 331 13.67 -7.31 47.76
C GLN A 331 13.93 -8.38 46.73
N CYS A 332 13.65 -7.99 45.50
CA CYS A 332 13.74 -8.80 44.30
C CYS A 332 15.16 -9.05 43.87
N ARG A 333 15.49 -10.32 43.69
CA ARG A 333 16.75 -10.79 43.13
C ARG A 333 16.46 -11.32 41.75
N ALA A 334 17.22 -10.87 40.75
CA ALA A 334 16.90 -11.14 39.36
C ALA A 334 18.20 -11.42 38.61
N GLY A 335 18.11 -12.26 37.59
CA GLY A 335 19.27 -12.55 36.79
C GLY A 335 18.98 -13.33 35.52
N PRO A 336 19.95 -13.37 34.62
CA PRO A 336 19.79 -14.06 33.33
C PRO A 336 19.63 -15.56 33.52
N VAL A 337 18.88 -16.17 32.59
CA VAL A 337 18.77 -17.62 32.53
C VAL A 337 19.91 -18.15 31.69
N GLY A 338 20.78 -18.94 32.32
CA GLY A 338 21.97 -19.42 31.65
C GLY A 338 22.79 -18.22 31.22
N ASP A 339 23.22 -18.25 29.97
CA ASP A 339 24.03 -17.20 29.40
C ASP A 339 23.19 -16.24 28.56
N ASP A 340 21.87 -16.42 28.54
CA ASP A 340 21.01 -15.59 27.72
C ASP A 340 20.58 -14.36 28.51
N MET A 341 21.12 -13.21 28.11
CA MET A 341 20.89 -11.95 28.80
C MET A 341 19.54 -11.34 28.47
N PHE A 342 18.82 -11.91 27.51
CA PHE A 342 17.53 -11.39 27.09
C PHE A 342 16.40 -12.18 27.71
N HIS A 343 16.74 -13.20 28.52
CA HIS A 343 15.80 -14.00 29.28
C HIS A 343 16.26 -14.00 30.73
N TRP A 344 15.46 -13.41 31.61
CA TRP A 344 15.80 -13.30 33.01
C TRP A 344 14.79 -14.10 33.83
N GLN A 345 15.24 -14.61 34.95
CA GLN A 345 14.39 -15.08 36.03
C GLN A 345 14.48 -14.10 37.20
N ALA A 346 13.32 -13.79 37.78
CA ALA A 346 13.23 -12.88 38.92
C ALA A 346 12.39 -13.48 40.05
N THR A 347 12.60 -12.95 41.25
CA THR A 347 11.83 -13.32 42.42
C THR A 347 11.34 -12.02 43.05
N ILE A 348 10.07 -12.00 43.45
CA ILE A 348 9.47 -10.90 44.18
C ILE A 348 8.96 -11.41 45.53
N MET A 349 9.42 -10.79 46.61
CA MET A 349 8.84 -11.06 47.92
C MET A 349 7.52 -10.30 48.02
N GLY A 350 6.43 -11.04 48.27
CA GLY A 350 5.12 -10.44 48.37
C GLY A 350 5.08 -9.21 49.24
N PRO A 351 4.50 -8.14 48.69
CA PRO A 351 4.44 -6.88 49.45
C PRO A 351 3.67 -6.99 50.75
N ASN A 352 4.15 -6.26 51.76
CA ASN A 352 3.47 -6.14 53.03
C ASN A 352 2.12 -5.47 52.79
N ASP A 353 1.12 -5.83 53.60
CA ASP A 353 -0.25 -5.26 53.57
C ASP A 353 -1.03 -5.63 52.32
N SER A 354 -0.73 -6.80 51.76
CA SER A 354 -1.48 -7.35 50.65
C SER A 354 -1.84 -8.77 51.02
N PRO A 355 -2.83 -9.38 50.35
CA PRO A 355 -3.18 -10.77 50.64
C PRO A 355 -2.07 -11.72 50.24
N TYR A 356 -1.01 -11.17 49.65
CA TYR A 356 0.10 -11.93 49.13
C TYR A 356 1.33 -11.79 50.01
N GLN A 357 1.20 -11.08 51.14
CA GLN A 357 2.32 -10.84 52.03
C GLN A 357 2.91 -12.16 52.51
N GLY A 358 4.22 -12.27 52.41
CA GLY A 358 4.93 -13.46 52.84
C GLY A 358 5.20 -14.43 51.71
N GLY A 359 4.49 -14.27 50.60
CA GLY A 359 4.68 -15.16 49.45
C GLY A 359 5.85 -14.69 48.61
N VAL A 360 6.60 -15.65 48.08
CA VAL A 360 7.63 -15.38 47.10
C VAL A 360 7.16 -15.85 45.73
N PHE A 361 7.00 -14.90 44.81
CA PHE A 361 6.46 -15.15 43.48
C PHE A 361 7.60 -15.04 42.47
N PHE A 362 7.73 -16.06 41.62
CA PHE A 362 8.78 -16.10 40.63
C PHE A 362 8.23 -15.61 39.28
N LEU A 363 9.03 -14.82 38.55
CA LEU A 363 8.65 -14.31 37.25
C LEU A 363 9.71 -14.60 36.19
N THR A 364 9.25 -14.70 34.95
CA THR A 364 10.11 -14.76 33.77
C THR A 364 9.99 -13.46 33.00
N ILE A 365 11.14 -12.96 32.53
CA ILE A 365 11.24 -11.72 31.78
C ILE A 365 11.96 -11.98 30.47
N HIS A 366 11.34 -11.62 29.34
CA HIS A 366 12.03 -11.71 28.06
C HIS A 366 12.19 -10.32 27.46
N PHE A 367 13.42 -9.91 27.21
CA PHE A 367 13.56 -8.59 26.59
C PHE A 367 13.54 -8.71 25.07
N PRO A 368 12.81 -7.83 24.38
CA PRO A 368 12.91 -7.78 22.93
C PRO A 368 14.25 -7.23 22.44
N THR A 369 14.54 -7.50 21.17
CA THR A 369 15.81 -7.12 20.57
C THR A 369 15.97 -5.61 20.46
N ASP A 370 14.86 -4.85 20.50
CA ASP A 370 14.94 -3.40 20.39
C ASP A 370 14.63 -2.73 21.72
N TYR A 371 14.94 -3.42 22.82
CA TYR A 371 14.80 -2.82 24.14
C TYR A 371 15.70 -1.59 24.21
N PRO A 372 15.20 -0.44 24.70
CA PRO A 372 13.98 -0.35 25.50
C PRO A 372 12.85 0.23 24.67
N PHE A 373 13.02 0.17 23.35
CA PHE A 373 12.07 0.80 22.47
C PHE A 373 10.77 0.00 22.38
N LYS A 374 10.84 -1.29 22.74
CA LYS A 374 9.66 -2.12 22.94
C LYS A 374 9.65 -2.64 24.39
N PRO A 375 8.45 -2.81 24.97
CA PRO A 375 8.39 -3.28 26.35
C PRO A 375 8.87 -4.71 26.48
N PRO A 376 9.46 -5.09 27.61
CA PRO A 376 9.75 -6.51 27.84
C PRO A 376 8.48 -7.29 28.10
N LYS A 377 8.53 -8.58 27.79
CA LYS A 377 7.47 -9.53 28.14
C LYS A 377 7.71 -10.09 29.54
N VAL A 378 6.77 -9.86 30.44
CA VAL A 378 6.90 -10.28 31.83
C VAL A 378 5.72 -11.18 32.17
N ALA A 379 6.00 -12.33 32.78
CA ALA A 379 4.93 -13.25 33.14
C ALA A 379 5.27 -13.90 34.46
N PHE A 380 4.22 -14.12 35.26
CA PHE A 380 4.35 -14.83 36.52
C PHE A 380 4.56 -16.32 36.27
N THR A 381 5.55 -16.93 36.94
CA THR A 381 5.61 -18.38 36.86
C THR A 381 4.87 -19.05 38.03
N THR A 382 4.74 -18.36 39.15
CA THR A 382 3.99 -18.87 40.29
C THR A 382 2.52 -18.44 40.15
N ARG A 383 1.61 -19.41 40.31
CA ARG A 383 0.19 -19.09 40.27
C ARG A 383 -0.19 -18.16 41.42
N ILE A 384 -1.03 -17.16 41.12
CA ILE A 384 -1.45 -16.13 42.06
C ILE A 384 -2.92 -15.76 41.78
N TYR A 385 -3.69 -15.63 42.86
CA TYR A 385 -5.10 -15.22 42.80
C TYR A 385 -5.20 -13.71 42.69
N HIS A 386 -5.27 -13.23 41.44
CA HIS A 386 -5.30 -11.82 41.15
C HIS A 386 -6.11 -11.57 39.89
N PRO A 387 -6.95 -10.53 39.86
CA PRO A 387 -7.82 -10.30 38.69
C PRO A 387 -7.06 -10.00 37.40
N ASN A 388 -5.81 -9.56 37.47
CA ASN A 388 -5.08 -9.11 36.28
C ASN A 388 -3.99 -10.09 35.87
N ILE A 389 -3.98 -11.28 36.46
CA ILE A 389 -3.03 -12.35 36.13
C ILE A 389 -3.83 -13.64 35.99
N ASN A 390 -3.72 -14.27 34.83
CA ASN A 390 -4.49 -15.46 34.51
C ASN A 390 -3.70 -16.72 34.88
N SER A 391 -4.34 -17.89 34.72
CA SER A 391 -3.75 -19.14 35.17
C SER A 391 -2.45 -19.47 34.47
N ASN A 392 -2.22 -18.92 33.27
CA ASN A 392 -0.97 -19.15 32.55
C ASN A 392 0.16 -18.23 33.02
N GLY A 393 -0.13 -17.24 33.86
CA GLY A 393 0.86 -16.33 34.39
C GLY A 393 1.01 -15.04 33.63
N SER A 394 0.21 -14.82 32.59
CA SER A 394 0.24 -13.60 31.79
C SER A 394 -0.28 -12.45 32.64
N ILE A 395 0.29 -11.26 32.43
CA ILE A 395 -0.01 -10.10 33.25
C ILE A 395 -0.67 -9.05 32.38
N LYS A 396 -1.84 -8.59 32.81
CA LYS A 396 -2.50 -7.47 32.15
C LYS A 396 -2.10 -6.20 32.90
N LEU A 397 -0.91 -5.71 32.58
CA LEU A 397 -0.36 -4.50 33.17
C LEU A 397 -0.14 -3.50 32.05
N ASP A 398 -0.69 -2.30 32.21
CA ASP A 398 -0.71 -1.34 31.12
C ASP A 398 0.70 -0.99 30.65
N ILE A 399 1.68 -0.97 31.56
CA ILE A 399 3.02 -0.51 31.21
C ILE A 399 3.77 -1.53 30.36
N LEU A 400 3.26 -2.75 30.25
CA LEU A 400 3.90 -3.76 29.41
C LEU A 400 3.30 -3.82 28.02
N ARG A 401 2.32 -2.97 27.73
CA ARG A 401 1.65 -2.94 26.44
C ARG A 401 1.53 -1.48 26.00
N SER A 402 1.11 -0.62 26.92
CA SER A 402 0.77 0.76 26.65
C SER A 402 1.49 1.65 27.66
N GLN A 403 1.43 2.96 27.43
CA GLN A 403 2.14 3.94 28.26
C GLN A 403 3.63 3.60 28.42
N TRP A 404 4.14 2.68 27.60
CA TRP A 404 5.56 2.35 27.66
C TRP A 404 6.42 3.55 27.29
N SER A 405 7.48 3.78 28.08
CA SER A 405 8.48 4.78 27.71
C SER A 405 9.85 4.09 27.75
N PRO A 406 10.69 4.28 26.73
CA PRO A 406 12.01 3.63 26.75
C PRO A 406 12.88 4.06 27.93
N ALA A 407 12.47 5.09 28.67
CA ALA A 407 13.23 5.51 29.85
C ALA A 407 12.87 4.65 31.05
N LEU A 408 11.77 3.92 30.97
CA LEU A 408 11.37 3.01 32.04
C LEU A 408 12.36 1.84 32.11
N THR A 409 12.66 1.42 33.32
CA THR A 409 13.54 0.29 33.59
C THR A 409 12.75 -0.88 34.15
N ILE A 410 13.39 -2.05 34.13
CA ILE A 410 12.79 -3.26 34.68
C ILE A 410 12.46 -3.05 36.15
N SER A 411 13.25 -2.23 36.85
CA SER A 411 12.97 -1.91 38.25
C SER A 411 11.62 -1.22 38.37
N LYS A 412 11.34 -0.28 37.46
CA LYS A 412 10.06 0.41 37.48
C LYS A 412 8.94 -0.55 37.15
N VAL A 413 9.19 -1.49 36.24
CA VAL A 413 8.18 -2.49 35.90
C VAL A 413 7.84 -3.31 37.14
N LEU A 414 8.87 -3.80 37.85
CA LEU A 414 8.64 -4.58 39.06
C LEU A 414 7.89 -3.78 40.11
N LEU A 415 8.19 -2.48 40.22
CA LEU A 415 7.47 -1.64 41.18
C LEU A 415 6.01 -1.50 40.78
N SER A 416 5.76 -1.40 39.47
CA SER A 416 4.39 -1.31 38.99
C SER A 416 3.65 -2.61 39.25
N ILE A 417 4.34 -3.75 39.11
CA ILE A 417 3.70 -5.03 39.39
C ILE A 417 3.37 -5.14 40.88
N CYS A 418 4.26 -4.66 41.75
CA CYS A 418 3.96 -4.65 43.18
C CYS A 418 2.73 -3.80 43.48
N SER A 419 2.65 -2.62 42.84
CA SER A 419 1.50 -1.77 43.05
C SER A 419 0.23 -2.43 42.54
N LEU A 420 0.30 -3.09 41.38
CA LEU A 420 -0.87 -3.80 40.87
C LEU A 420 -1.29 -4.88 41.86
N LEU A 421 -0.32 -5.57 42.45
CA LEU A 421 -0.63 -6.60 43.45
C LEU A 421 -1.41 -5.98 44.60
N CYS A 422 -1.08 -4.74 44.94
CA CYS A 422 -1.71 -4.12 46.10
C CYS A 422 -2.97 -3.35 45.71
N ASP A 423 -3.02 -2.83 44.48
CA ASP A 423 -4.15 -2.04 43.98
C ASP A 423 -4.58 -2.58 42.62
N PRO A 424 -5.32 -3.69 42.58
CA PRO A 424 -5.71 -4.25 41.28
C PRO A 424 -6.66 -3.32 40.53
N ASN A 425 -6.80 -3.59 39.23
CA ASN A 425 -7.76 -2.88 38.40
C ASN A 425 -8.90 -3.77 37.91
N PRO A 426 -9.97 -3.93 38.71
CA PRO A 426 -11.06 -4.85 38.34
C PRO A 426 -11.90 -4.40 37.15
N ASP A 427 -11.79 -3.15 36.72
CA ASP A 427 -12.59 -2.65 35.59
C ASP A 427 -12.02 -3.04 34.23
N ASP A 428 -10.79 -3.54 34.19
CA ASP A 428 -10.17 -4.06 32.97
C ASP A 428 -9.60 -5.43 33.30
N PRO A 429 -10.44 -6.40 33.65
CA PRO A 429 -9.95 -7.67 34.18
C PRO A 429 -9.52 -8.66 33.12
N LEU A 430 -8.45 -9.38 33.44
CA LEU A 430 -8.07 -10.56 32.67
C LEU A 430 -8.86 -11.78 33.09
N VAL A 431 -9.25 -11.86 34.36
CA VAL A 431 -10.08 -12.94 34.88
C VAL A 431 -11.36 -12.33 35.45
N PRO A 432 -12.44 -12.30 34.66
CA PRO A 432 -13.67 -11.62 35.13
C PRO A 432 -14.23 -12.15 36.44
N GLU A 433 -14.12 -13.46 36.70
CA GLU A 433 -14.66 -14.03 37.94
C GLU A 433 -13.97 -13.44 39.16
N ILE A 434 -12.64 -13.31 39.10
CA ILE A 434 -11.91 -12.77 40.24
C ILE A 434 -12.21 -11.29 40.40
N ALA A 435 -12.30 -10.56 39.28
CA ALA A 435 -12.66 -9.15 39.36
C ALA A 435 -14.02 -8.97 40.04
N ARG A 436 -14.99 -9.83 39.68
CA ARG A 436 -16.31 -9.75 40.30
C ARG A 436 -16.22 -10.01 41.79
N ILE A 437 -15.41 -10.99 42.20
CA ILE A 437 -15.29 -11.26 43.63
C ILE A 437 -14.62 -10.09 44.34
N TYR A 438 -13.57 -9.52 43.71
CA TYR A 438 -12.87 -8.36 44.26
C TYR A 438 -13.82 -7.19 44.46
N LYS A 439 -14.73 -6.97 43.50
CA LYS A 439 -15.61 -5.81 43.55
C LYS A 439 -16.77 -6.01 44.51
N THR A 440 -17.23 -7.25 44.67
CA THR A 440 -18.47 -7.51 45.39
C THR A 440 -18.25 -8.08 46.78
N ASP A 441 -17.15 -8.80 47.00
CA ASP A 441 -16.91 -9.43 48.30
C ASP A 441 -15.41 -9.41 48.59
N ARG A 442 -14.95 -8.31 49.20
CA ARG A 442 -13.53 -8.12 49.41
C ARG A 442 -12.99 -9.13 50.42
N GLU A 443 -13.80 -9.49 51.42
CA GLU A 443 -13.37 -10.45 52.42
C GLU A 443 -13.08 -11.81 51.78
N LYS A 444 -13.99 -12.27 50.91
CA LYS A 444 -13.76 -13.53 50.21
C LYS A 444 -12.53 -13.46 49.31
N TYR A 445 -12.35 -12.33 48.62
CA TYR A 445 -11.17 -12.14 47.79
C TYR A 445 -9.90 -12.28 48.63
N ASN A 446 -9.87 -11.60 49.78
CA ASN A 446 -8.67 -11.62 50.59
C ASN A 446 -8.43 -13.01 51.18
N ARG A 447 -9.50 -13.70 51.57
CA ARG A 447 -9.34 -15.05 52.13
C ARG A 447 -8.77 -15.99 51.08
N ILE A 448 -9.32 -15.95 49.86
CA ILE A 448 -8.87 -16.88 48.83
C ILE A 448 -7.46 -16.53 48.38
N ALA A 449 -7.16 -15.25 48.22
CA ALA A 449 -5.81 -14.84 47.86
C ALA A 449 -4.81 -15.31 48.91
N ARG A 450 -5.17 -15.20 50.19
CA ARG A 450 -4.31 -15.63 51.29
C ARG A 450 -4.14 -17.15 51.27
N GLU A 451 -5.23 -17.88 50.99
CA GLU A 451 -5.17 -19.33 50.94
C GLU A 451 -4.28 -19.79 49.80
N TRP A 452 -4.39 -19.14 48.64
CA TRP A 452 -3.56 -19.49 47.51
C TRP A 452 -2.09 -19.16 47.80
N THR A 453 -1.84 -18.01 48.42
CA THR A 453 -0.47 -17.69 48.79
C THR A 453 0.10 -18.78 49.69
N GLN A 454 -0.69 -19.22 50.68
CA GLN A 454 -0.19 -20.30 51.54
C GLN A 454 -0.03 -21.60 50.77
N LYS A 455 -0.94 -21.89 49.82
CA LYS A 455 -0.89 -23.19 49.17
C LYS A 455 0.10 -23.10 48.03
N TYR A 456 0.17 -22.03 47.33
CA TYR A 456 1.19 -21.99 46.33
C TYR A 456 2.19 -21.05 46.89
N ALA A 457 2.68 -20.19 46.03
CA ALA A 457 3.64 -19.15 46.43
C ALA A 457 4.60 -19.63 47.49
N MET A 458 4.54 -19.03 48.66
CA MET A 458 5.39 -19.36 49.76
C MET A 458 5.57 -20.83 49.85
N PRO B 18 -29.16 1.27 -0.30
CA PRO B 18 -30.24 2.19 0.13
C PRO B 18 -30.32 2.30 1.65
N VAL B 19 -30.34 1.16 2.34
CA VAL B 19 -30.40 1.12 3.80
C VAL B 19 -29.27 0.23 4.29
N CYS B 20 -28.81 0.48 5.51
CA CYS B 20 -27.74 -0.32 6.08
C CYS B 20 -28.16 -1.78 6.17
N LEU B 21 -27.25 -2.68 5.83
CA LEU B 21 -27.57 -4.10 5.90
C LEU B 21 -27.82 -4.54 7.34
N LEU B 22 -27.24 -3.84 8.30
CA LEU B 22 -27.39 -4.18 9.72
C LEU B 22 -28.53 -3.40 10.38
N CYS B 23 -28.46 -2.07 10.35
CA CYS B 23 -29.44 -1.25 11.05
C CYS B 23 -30.69 -0.95 10.21
N LEU B 24 -30.71 -1.37 8.94
CA LEU B 24 -31.85 -1.20 8.03
C LEU B 24 -32.35 0.25 8.01
N GLN B 25 -31.41 1.19 8.02
CA GLN B 25 -31.76 2.59 8.06
C GLN B 25 -30.81 3.37 7.16
N GLU B 26 -31.24 4.56 6.75
CA GLU B 26 -30.48 5.41 5.84
C GLU B 26 -29.43 6.22 6.60
N PRO B 27 -28.36 6.66 5.90
CA PRO B 27 -27.35 7.49 6.56
C PRO B 27 -27.86 8.89 6.89
N GLY B 28 -28.75 8.99 7.88
CA GLY B 28 -29.22 10.28 8.36
C GLY B 28 -28.08 11.21 8.70
N ASP B 29 -27.41 10.94 9.81
CA ASP B 29 -26.27 11.75 10.25
C ASP B 29 -25.02 10.89 10.19
N PRO B 30 -24.07 11.16 9.29
CA PRO B 30 -22.80 10.43 9.33
C PRO B 30 -22.05 10.63 10.63
N GLU B 31 -22.32 11.74 11.34
CA GLU B 31 -21.71 11.96 12.64
C GLU B 31 -22.32 11.04 13.69
N LYS B 32 -23.57 10.62 13.51
CA LYS B 32 -24.25 9.76 14.46
C LYS B 32 -24.29 8.29 14.04
N LEU B 33 -24.15 7.98 12.76
CA LEU B 33 -24.19 6.60 12.28
C LEU B 33 -22.97 6.19 11.47
N GLY B 34 -22.03 7.10 11.23
CA GLY B 34 -20.84 6.78 10.48
C GLY B 34 -21.03 7.02 8.98
N GLU B 35 -19.90 7.14 8.29
CA GLU B 35 -19.94 7.34 6.85
C GLU B 35 -20.50 6.09 6.18
N PHE B 36 -21.54 6.28 5.38
CA PHE B 36 -22.13 5.16 4.64
C PHE B 36 -21.21 4.71 3.52
N LEU B 37 -20.88 3.43 3.49
CA LEU B 37 -19.98 2.85 2.50
C LEU B 37 -20.77 1.91 1.63
N GLN B 38 -20.65 2.06 0.31
CA GLN B 38 -21.40 1.28 -0.66
C GLN B 38 -20.41 0.56 -1.57
N LYS B 39 -19.92 -0.58 -1.09
CA LYS B 39 -18.93 -1.38 -1.80
C LYS B 39 -19.66 -2.55 -2.43
N ASP B 40 -19.53 -2.67 -3.76
CA ASP B 40 -20.32 -3.54 -4.64
C ASP B 40 -21.78 -3.56 -4.20
N ASN B 41 -22.43 -4.72 -4.20
CA ASN B 41 -23.82 -4.82 -3.79
C ASN B 41 -24.03 -4.68 -2.29
N LEU B 42 -23.01 -4.32 -1.50
CA LEU B 42 -23.15 -4.16 -0.06
C LEU B 42 -23.17 -2.68 0.30
N CYS B 43 -24.03 -2.33 1.25
CA CYS B 43 -24.21 -0.94 1.69
C CYS B 43 -24.34 -0.95 3.22
N VAL B 44 -23.36 -0.36 3.91
CA VAL B 44 -23.31 -0.47 5.37
C VAL B 44 -22.71 0.80 5.96
N HIS B 45 -23.18 1.18 7.14
CA HIS B 45 -22.59 2.30 7.87
C HIS B 45 -21.25 1.90 8.47
N TYR B 46 -20.35 2.90 8.56
CA TYR B 46 -19.04 2.65 9.17
C TYR B 46 -19.17 2.31 10.65
N PHE B 47 -19.99 3.07 11.39
CA PHE B 47 -20.14 2.79 12.81
C PHE B 47 -20.79 1.43 13.04
N CYS B 48 -21.85 1.12 12.29
CA CYS B 48 -22.48 -0.19 12.40
C CYS B 48 -21.48 -1.30 12.09
N LEU B 49 -20.64 -1.09 11.08
CA LEU B 49 -19.67 -2.11 10.68
C LEU B 49 -18.63 -2.34 11.77
N ILE B 50 -18.05 -1.26 12.30
CA ILE B 50 -16.97 -1.40 13.26
C ILE B 50 -17.49 -1.93 14.59
N LEU B 51 -18.68 -1.50 15.02
CA LEU B 51 -19.17 -1.90 16.32
C LEU B 51 -19.67 -3.34 16.35
N SER B 52 -19.78 -4.00 15.20
CA SER B 52 -20.27 -5.37 15.18
C SER B 52 -19.41 -6.27 16.06
N SER B 53 -20.06 -6.95 17.00
CA SER B 53 -19.38 -7.78 17.99
C SER B 53 -19.15 -9.21 17.55
N ARG B 54 -20.03 -9.76 16.72
CA ARG B 54 -20.02 -11.20 16.46
C ARG B 54 -18.90 -11.63 15.52
N LEU B 55 -18.59 -10.84 14.49
CA LEU B 55 -17.65 -11.25 13.45
C LEU B 55 -16.51 -10.26 13.34
N PRO B 56 -15.26 -10.67 13.56
CA PRO B 56 -14.13 -9.73 13.55
C PRO B 56 -13.52 -9.52 12.18
N GLN B 57 -12.43 -8.75 12.14
CA GLN B 57 -11.68 -8.50 10.90
C GLN B 57 -11.01 -9.77 10.39
N GLY B 59 -8.95 -9.01 7.29
CA GLY B 59 -8.22 -8.47 6.16
C GLY B 59 -7.68 -7.07 6.40
N GLN B 60 -6.70 -6.67 5.59
CA GLN B 60 -6.16 -5.33 5.66
C GLN B 60 -7.22 -4.33 5.21
N PRO B 61 -7.11 -3.06 5.64
CA PRO B 61 -8.14 -2.07 5.25
C PRO B 61 -8.30 -1.90 3.75
N ASN B 62 -7.21 -2.07 2.98
CA ASN B 62 -7.26 -1.87 1.54
C ASN B 62 -8.31 -2.77 0.87
N ARG B 63 -8.23 -4.08 1.13
CA ARG B 63 -9.26 -4.99 0.64
C ARG B 63 -10.39 -5.07 1.65
N GLY B 64 -11.62 -5.06 1.15
CA GLY B 64 -12.77 -5.05 2.03
C GLY B 64 -13.02 -3.68 2.64
N LEU B 65 -14.04 -3.61 3.48
CA LEU B 65 -14.52 -2.34 4.01
C LEU B 65 -13.82 -2.02 5.34
N HIS B 66 -12.83 -1.14 5.29
CA HIS B 66 -12.03 -0.75 6.46
C HIS B 66 -11.47 -1.96 7.19
N GLY B 67 -10.96 -2.93 6.41
CA GLY B 67 -10.38 -4.14 6.96
C GLY B 67 -11.35 -5.29 7.15
N PHE B 68 -12.64 -5.07 6.91
CA PHE B 68 -13.64 -6.12 7.00
C PHE B 68 -13.95 -6.56 5.57
N MET B 69 -13.69 -7.83 5.27
CA MET B 69 -13.93 -8.35 3.94
C MET B 69 -15.44 -8.49 3.70
N PRO B 70 -15.87 -8.53 2.43
CA PRO B 70 -17.29 -8.79 2.18
C PRO B 70 -17.82 -10.11 2.71
N GLU B 71 -17.03 -11.19 2.72
CA GLU B 71 -17.56 -12.51 3.10
C GLU B 71 -17.93 -12.58 4.59
N ASP B 72 -17.05 -12.10 5.46
CA ASP B 72 -17.39 -12.05 6.88
C ASP B 72 -18.57 -11.10 7.12
N ILE B 73 -18.68 -10.03 6.33
CA ILE B 73 -19.85 -9.17 6.42
C ILE B 73 -21.11 -9.94 6.05
N LYS B 74 -21.03 -10.79 5.01
CA LYS B 74 -22.19 -11.59 4.61
C LYS B 74 -22.59 -12.58 5.71
N ARG B 75 -21.59 -13.22 6.34
CA ARG B 75 -21.91 -14.14 7.44
C ARG B 75 -22.52 -13.38 8.61
N GLU B 76 -22.01 -12.19 8.90
CA GLU B 76 -22.59 -11.35 9.95
C GLU B 76 -24.01 -10.96 9.60
N ALA B 77 -24.28 -10.71 8.32
CA ALA B 77 -25.64 -10.40 7.88
C ALA B 77 -26.56 -11.59 8.09
N VAL B 78 -26.05 -12.80 7.84
CA VAL B 78 -26.83 -14.00 8.12
C VAL B 78 -27.16 -14.08 9.60
N ARG B 79 -26.17 -13.80 10.46
CA ARG B 79 -26.38 -13.83 11.91
C ARG B 79 -27.28 -12.70 12.40
N ALA B 80 -27.34 -11.58 11.69
CA ALA B 80 -28.05 -10.40 12.16
C ALA B 80 -29.56 -10.59 12.19
N SER B 81 -30.10 -11.33 11.22
CA SER B 81 -31.54 -11.59 11.16
C SER B 81 -32.10 -12.32 12.36
N LYS B 82 -31.25 -12.89 13.23
CA LYS B 82 -31.76 -13.70 14.34
C LYS B 82 -32.59 -12.94 15.36
N LYS B 83 -32.43 -11.63 15.48
CA LYS B 83 -33.11 -10.88 16.54
C LYS B 83 -33.84 -9.68 15.96
N ILE B 84 -34.75 -9.12 16.77
CA ILE B 84 -35.29 -7.79 16.54
C ILE B 84 -34.93 -6.96 17.77
N CYS B 85 -35.21 -5.67 17.70
CA CYS B 85 -34.70 -4.73 18.69
C CYS B 85 -35.57 -4.72 19.93
N PHE B 86 -34.93 -4.82 21.10
CA PHE B 86 -35.66 -4.60 22.34
C PHE B 86 -36.08 -3.15 22.50
N VAL B 87 -35.56 -2.24 21.69
CA VAL B 87 -35.98 -0.85 21.76
C VAL B 87 -37.14 -0.56 20.80
N CYS B 88 -37.24 -1.29 19.70
CA CYS B 88 -38.31 -1.03 18.73
C CYS B 88 -39.14 -2.29 18.52
N ALA B 93 -27.50 -6.96 13.69
CA ALA B 93 -28.71 -6.19 13.93
C ALA B 93 -29.16 -6.32 15.37
N ALA B 94 -28.30 -6.89 16.20
CA ALA B 94 -28.55 -7.06 17.62
C ALA B 94 -27.47 -6.34 18.41
N ILE B 95 -27.89 -5.46 19.33
CA ILE B 95 -26.93 -4.90 20.29
C ILE B 95 -26.25 -6.02 21.05
N ARG B 96 -27.01 -7.02 21.49
CA ARG B 96 -26.50 -8.14 22.27
C ARG B 96 -25.57 -7.63 23.36
N CYS B 97 -26.13 -6.81 24.24
CA CYS B 97 -25.40 -6.12 25.29
C CYS B 97 -24.30 -6.97 25.90
N GLN B 98 -23.06 -6.47 25.84
CA GLN B 98 -21.90 -7.25 26.20
C GLN B 98 -21.67 -7.27 27.69
N ASN B 99 -22.70 -6.94 28.47
CA ASN B 99 -22.64 -7.02 29.93
C ASN B 99 -22.73 -8.46 30.41
N ASP B 100 -21.85 -9.30 29.89
CA ASP B 100 -21.73 -10.69 30.33
C ASP B 100 -23.08 -11.41 30.26
N GLN B 101 -23.72 -11.58 31.42
CA GLN B 101 -25.00 -12.30 31.48
C GLN B 101 -26.07 -11.55 30.69
N CYS B 102 -26.08 -10.23 30.76
CA CYS B 102 -27.08 -9.44 30.06
C CYS B 102 -27.00 -9.72 28.56
N VAL B 103 -28.15 -9.64 27.88
CA VAL B 103 -28.23 -9.92 26.46
C VAL B 103 -28.75 -8.69 25.72
N GLN B 104 -30.00 -8.30 25.93
CA GLN B 104 -30.53 -7.07 25.35
C GLN B 104 -30.21 -6.87 23.87
N ASN B 105 -30.92 -7.55 22.98
CA ASN B 105 -30.68 -7.39 21.55
C ASN B 105 -31.46 -6.19 21.00
N PHE B 106 -30.79 -5.38 20.18
CA PHE B 106 -31.35 -4.12 19.70
C PHE B 106 -30.52 -3.63 18.51
N HIS B 107 -31.01 -2.58 17.85
CA HIS B 107 -30.30 -1.88 16.80
C HIS B 107 -29.40 -0.80 17.38
N LEU B 108 -28.39 -0.42 16.60
CA LEU B 108 -27.51 0.68 17.01
C LEU B 108 -28.26 1.99 17.14
N PRO B 109 -29.02 2.46 16.13
CA PRO B 109 -29.81 3.69 16.36
C PRO B 109 -30.86 3.52 17.45
N CYS B 110 -31.48 2.34 17.52
CA CYS B 110 -32.45 2.06 18.56
C CYS B 110 -31.80 2.15 19.94
N GLY B 111 -30.64 1.51 20.10
CA GLY B 111 -29.91 1.60 21.35
C GLY B 111 -29.52 3.03 21.68
N GLN B 112 -29.14 3.80 20.66
CA GLN B 112 -28.82 5.22 20.87
C GLN B 112 -30.03 5.97 21.41
N GLU B 113 -31.21 5.69 20.87
CA GLU B 113 -32.42 6.38 21.32
C GLU B 113 -32.77 6.01 22.75
N ARG B 114 -32.67 4.73 23.11
CA ARG B 114 -33.08 4.27 24.43
C ARG B 114 -32.02 4.48 25.51
N GLY B 115 -30.82 4.92 25.14
CA GLY B 115 -29.79 5.20 26.11
C GLY B 115 -28.63 4.22 26.15
N CYS B 116 -28.51 3.32 25.17
CA CYS B 116 -27.37 2.42 25.14
C CYS B 116 -26.10 3.17 24.76
N LEU B 117 -24.97 2.60 25.15
CA LEU B 117 -23.67 3.21 24.93
C LEU B 117 -22.76 2.22 24.20
N SER B 118 -22.02 2.73 23.23
CA SER B 118 -21.11 1.92 22.42
C SER B 118 -19.69 2.45 22.58
N GLN B 119 -18.77 1.56 22.97
CA GLN B 119 -17.38 1.95 23.14
C GLN B 119 -16.65 1.96 21.82
N PHE B 120 -15.62 2.79 21.72
CA PHE B 120 -14.87 2.99 20.49
C PHE B 120 -13.38 2.76 20.71
N PHE B 121 -13.03 1.80 21.57
CA PHE B 121 -11.63 1.43 21.77
C PHE B 121 -11.54 -0.07 21.99
N GLY B 122 -10.43 -0.66 21.56
CA GLY B 122 -10.21 -2.07 21.76
C GLY B 122 -11.18 -2.97 21.01
N GLU B 123 -11.92 -3.79 21.74
CA GLU B 123 -12.84 -4.76 21.14
C GLU B 123 -14.04 -4.10 20.48
N TYR B 124 -14.24 -2.79 20.69
CA TYR B 124 -15.40 -2.06 20.19
C TYR B 124 -16.69 -2.72 20.65
N LYS B 125 -16.79 -2.94 21.96
CA LYS B 125 -17.91 -3.63 22.58
C LYS B 125 -18.85 -2.63 23.23
N SER B 126 -20.15 -2.88 23.12
CA SER B 126 -21.16 -1.99 23.66
C SER B 126 -21.72 -2.53 24.98
N TYR B 127 -22.54 -1.71 25.63
CA TYR B 127 -23.17 -2.00 26.91
C TYR B 127 -24.51 -1.31 26.96
N CYS B 128 -25.45 -1.90 27.69
CA CYS B 128 -26.78 -1.31 27.80
C CYS B 128 -26.73 -0.14 28.77
N ARG B 129 -27.88 0.53 28.95
CA ARG B 129 -27.94 1.67 29.85
C ARG B 129 -27.66 1.26 31.29
N LYS B 130 -28.13 0.08 31.68
CA LYS B 130 -27.87 -0.41 33.03
C LYS B 130 -26.39 -0.64 33.26
N HIS B 131 -25.70 -1.24 32.29
CA HIS B 131 -24.30 -1.62 32.45
C HIS B 131 -23.33 -0.67 31.75
N ARG B 132 -23.82 0.45 31.23
CA ARG B 132 -22.94 1.41 30.58
C ARG B 132 -22.06 2.11 31.61
N PRO B 133 -20.83 2.47 31.26
CA PRO B 133 -20.01 3.26 32.19
C PRO B 133 -20.69 4.57 32.54
N THR B 134 -20.55 4.97 33.80
CA THR B 134 -21.26 6.13 34.32
C THR B 134 -20.33 6.85 35.29
N GLN B 135 -20.56 8.15 35.47
CA GLN B 135 -19.72 8.97 36.31
C GLN B 135 -20.58 9.62 37.40
N ASN B 136 -20.07 9.60 38.63
CA ASN B 136 -20.76 10.20 39.77
C ASN B 136 -20.41 11.68 39.88
N ILE B 137 -21.45 12.52 39.91
CA ILE B 137 -21.28 13.97 39.95
C ILE B 137 -22.20 14.54 41.02
N HIS B 138 -21.81 15.71 41.53
CA HIS B 138 -22.60 16.39 42.56
C HIS B 138 -22.22 17.87 42.63
N GLU B 145 -23.24 23.81 35.61
CA GLU B 145 -22.84 25.09 35.05
C GLU B 145 -23.14 25.17 33.57
N SER B 146 -22.11 25.40 32.76
CA SER B 146 -22.26 25.61 31.34
C SER B 146 -21.29 24.72 30.57
N CYS B 147 -21.66 24.40 29.33
CA CYS B 147 -20.78 23.67 28.43
C CYS B 147 -19.78 24.64 27.81
N VAL B 148 -18.49 24.43 28.09
CA VAL B 148 -17.47 25.35 27.61
C VAL B 148 -17.43 25.40 26.09
N LEU B 149 -17.75 24.29 25.43
CA LEU B 149 -17.66 24.24 23.97
C LEU B 149 -18.71 25.13 23.32
N CYS B 150 -19.98 24.99 23.73
CA CYS B 150 -21.07 25.74 23.12
C CYS B 150 -21.52 26.93 23.95
N CYS B 151 -20.90 27.17 25.11
CA CYS B 151 -21.26 28.28 25.99
C CYS B 151 -22.75 28.30 26.30
N GLU B 152 -23.29 27.14 26.67
CA GLU B 152 -24.69 26.99 27.00
C GLU B 152 -24.84 26.17 28.28
N ASN B 153 -25.95 26.39 28.99
CA ASN B 153 -26.20 25.68 30.23
C ASN B 153 -26.32 24.18 29.99
N LEU B 154 -25.64 23.40 30.82
CA LEU B 154 -25.68 21.95 30.72
C LEU B 154 -27.01 21.41 31.26
N SER B 155 -27.52 20.37 30.60
CA SER B 155 -28.82 19.81 30.94
C SER B 155 -28.77 19.06 32.27
N ARG B 156 -29.95 18.91 32.88
CA ARG B 156 -30.13 18.20 34.14
C ARG B 156 -30.37 16.70 33.95
N THR B 157 -30.46 16.22 32.72
CA THR B 157 -30.73 14.79 32.49
C THR B 157 -29.50 13.93 32.76
N SER B 158 -28.30 14.49 32.56
CA SER B 158 -27.02 13.82 32.84
C SER B 158 -26.70 12.70 31.86
N VAL B 159 -27.64 12.33 30.98
CA VAL B 159 -27.32 11.27 30.02
C VAL B 159 -26.40 11.81 28.93
N GLU B 160 -26.50 13.10 28.61
CA GLU B 160 -25.64 13.73 27.62
C GLU B 160 -24.56 14.61 28.25
N ASN B 161 -24.25 14.40 29.53
CA ASN B 161 -23.22 15.16 30.21
C ASN B 161 -22.06 14.23 30.57
N ILE B 162 -20.84 14.66 30.26
CA ILE B 162 -19.63 13.88 30.50
C ILE B 162 -18.66 14.74 31.29
N GLN B 163 -17.88 14.09 32.14
CA GLN B 163 -16.95 14.80 32.95
C GLN B 163 -15.51 14.47 32.68
N SER B 164 -14.66 15.47 32.67
CA SER B 164 -13.25 15.25 32.37
C SER B 164 -12.55 14.61 33.57
N PRO B 165 -11.65 13.64 33.33
CA PRO B 165 -10.91 13.03 34.45
C PRO B 165 -9.72 13.86 34.89
N CYS B 166 -9.47 14.94 34.16
CA CYS B 166 -8.32 15.77 34.44
C CYS B 166 -8.68 17.12 35.04
N CYS B 167 -7.99 18.17 34.64
CA CYS B 167 -8.16 19.45 35.32
C CYS B 167 -9.56 19.99 35.44
N SER B 168 -9.80 20.63 36.58
CA SER B 168 -11.09 21.24 36.85
C SER B 168 -12.22 20.26 36.86
N GLN B 169 -11.96 18.99 36.56
CA GLN B 169 -13.04 18.01 36.46
C GLN B 169 -14.28 18.68 35.87
N ALA B 170 -14.22 19.06 34.60
CA ALA B 170 -15.29 19.87 34.03
C ALA B 170 -16.35 19.00 33.36
N ILE B 171 -17.46 19.64 33.00
CA ILE B 171 -18.62 18.96 32.46
C ILE B 171 -18.92 19.51 31.09
N TYR B 172 -19.17 18.61 30.14
CA TYR B 172 -19.32 18.94 28.73
C TYR B 172 -20.52 18.19 28.16
N HIS B 173 -21.18 18.80 27.17
CA HIS B 173 -22.27 18.14 26.48
C HIS B 173 -21.75 16.95 25.68
N ARG B 174 -22.51 15.85 25.71
CA ARG B 174 -22.12 14.66 24.95
C ARG B 174 -22.07 14.95 23.45
N LYS B 175 -23.08 15.65 22.91
CA LYS B 175 -23.07 16.01 21.50
C LYS B 175 -21.88 16.90 21.18
N CYS B 176 -21.61 17.88 22.04
CA CYS B 176 -20.47 18.77 21.84
C CYS B 176 -19.16 18.00 21.89
N ILE B 177 -19.01 17.08 22.83
CA ILE B 177 -17.80 16.26 22.90
C ILE B 177 -17.64 15.42 21.65
N GLN B 178 -18.73 14.81 21.17
CA GLN B 178 -18.63 13.95 20.00
C GLN B 178 -18.25 14.75 18.76
N LYS B 179 -18.81 15.96 18.61
CA LYS B 179 -18.42 16.80 17.48
C LYS B 179 -17.00 17.32 17.63
N TYR B 180 -16.58 17.63 18.86
CA TYR B 180 -15.20 18.01 19.12
C TYR B 180 -14.24 16.89 18.73
N ALA B 181 -14.65 15.65 18.96
CA ALA B 181 -13.82 14.50 18.61
C ALA B 181 -13.76 14.30 17.10
N HIS B 182 -14.92 14.32 16.43
CA HIS B 182 -14.94 14.14 14.98
C HIS B 182 -14.20 15.26 14.25
N THR B 183 -14.41 16.50 14.68
CA THR B 183 -13.84 17.64 13.97
C THR B 183 -12.33 17.74 14.18
N SER B 184 -11.90 17.84 15.44
CA SER B 184 -10.49 17.96 15.76
C SER B 184 -9.71 16.65 15.60
N ALA B 185 -10.40 15.52 15.44
CA ALA B 185 -9.79 14.19 15.36
C ALA B 185 -8.96 13.84 16.60
N LYS B 186 -8.35 12.66 16.58
CA LYS B 186 -7.54 12.20 17.70
C LYS B 186 -6.31 13.07 17.92
N HIS B 187 -5.66 13.49 16.84
CA HIS B 187 -4.42 14.24 16.95
C HIS B 187 -4.57 15.57 17.68
N PHE B 188 -5.77 16.12 17.71
CA PHE B 188 -6.02 17.40 18.38
C PHE B 188 -7.11 17.30 19.44
N PHE B 189 -7.55 16.08 19.76
CA PHE B 189 -8.53 15.87 20.81
C PHE B 189 -7.83 15.98 22.17
N LYS B 190 -8.21 16.98 22.95
CA LYS B 190 -7.53 17.23 24.22
C LYS B 190 -8.48 17.98 25.14
N CYS B 191 -8.09 18.07 26.41
CA CYS B 191 -8.82 18.88 27.37
C CYS B 191 -8.78 20.35 26.96
N PRO B 192 -9.90 21.04 26.90
CA PRO B 192 -9.87 22.45 26.53
C PRO B 192 -9.03 23.31 27.45
N GLN B 193 -8.77 22.88 28.68
CA GLN B 193 -8.02 23.69 29.65
C GLN B 193 -6.55 23.25 29.77
N CYS B 194 -6.29 21.99 30.13
CA CYS B 194 -4.94 21.53 30.34
C CYS B 194 -4.36 20.79 29.15
N ASN B 195 -5.15 20.59 28.10
CA ASN B 195 -4.71 19.89 26.89
C ASN B 195 -4.28 18.45 27.21
N ASN B 196 -5.06 17.78 28.05
CA ASN B 196 -4.77 16.39 28.39
C ASN B 196 -4.95 15.49 27.18
N ARG B 197 -4.00 14.58 26.99
CA ARG B 197 -4.05 13.64 25.88
C ARG B 197 -3.88 12.19 26.34
N GLU B 198 -3.86 11.93 27.64
CA GLU B 198 -3.69 10.58 28.17
C GLU B 198 -4.94 10.09 28.91
N GLU B 199 -5.39 10.82 29.93
CA GLU B 199 -6.55 10.39 30.69
C GLU B 199 -7.85 10.84 30.03
N PHE B 200 -7.86 12.06 29.50
CA PHE B 200 -9.08 12.58 28.88
C PHE B 200 -9.52 11.76 27.67
N PRO B 201 -8.67 11.46 26.68
CA PRO B 201 -9.12 10.61 25.57
C PRO B 201 -9.57 9.23 26.02
N GLN B 202 -8.88 8.65 27.00
CA GLN B 202 -9.27 7.33 27.50
C GLN B 202 -10.66 7.36 28.14
N GLU B 203 -10.90 8.36 29.00
CA GLU B 203 -12.20 8.50 29.63
C GLU B 203 -13.28 8.73 28.59
N MET B 204 -13.00 9.51 27.56
CA MET B 204 -13.99 9.70 26.51
C MET B 204 -14.27 8.39 25.76
N LEU B 205 -13.22 7.62 25.46
CA LEU B 205 -13.41 6.34 24.79
C LEU B 205 -14.26 5.39 25.63
N ARG B 206 -14.00 5.30 26.94
CA ARG B 206 -14.79 4.41 27.77
C ARG B 206 -16.23 4.90 27.90
N MET B 207 -16.45 6.21 27.80
CA MET B 207 -17.79 6.78 27.90
C MET B 207 -18.50 6.85 26.55
N GLY B 208 -17.98 6.14 25.54
CA GLY B 208 -18.67 6.04 24.27
C GLY B 208 -18.51 7.24 23.35
N ILE B 209 -17.29 7.73 23.19
CA ILE B 209 -16.98 8.83 22.28
C ILE B 209 -16.09 8.28 21.18
N HIS B 210 -16.47 8.54 19.94
CA HIS B 210 -15.65 8.08 18.84
C HIS B 210 -14.54 9.01 18.63
N ILE B 211 -13.35 8.49 18.63
CA ILE B 211 -12.15 9.30 18.43
C ILE B 211 -11.48 8.84 17.15
N PRO B 212 -11.92 9.29 15.98
CA PRO B 212 -11.35 8.80 14.73
C PRO B 212 -9.88 9.21 14.58
N ASP B 213 -9.10 8.34 13.95
CA ASP B 213 -7.69 8.62 13.70
C ASP B 213 -7.56 9.19 12.28
N ARG B 214 -7.79 10.49 12.18
CA ARG B 214 -7.71 11.19 10.91
C ARG B 214 -7.06 12.55 11.18
N ASP B 215 -7.20 13.48 10.24
CA ASP B 215 -6.73 14.84 10.42
C ASP B 215 -7.92 15.75 10.67
N ALA B 216 -7.62 16.95 11.18
CA ALA B 216 -8.67 17.88 11.57
C ALA B 216 -9.56 18.23 10.38
N ALA B 217 -10.83 18.51 10.68
CA ALA B 217 -11.81 18.74 9.61
C ALA B 217 -11.44 19.94 8.76
N TRP B 218 -10.95 21.01 9.39
CA TRP B 218 -10.57 22.19 8.61
C TRP B 218 -9.39 21.89 7.69
N GLU B 219 -8.54 20.93 8.05
CA GLU B 219 -7.47 20.52 7.15
C GLU B 219 -7.95 19.65 6.00
N LEU B 220 -8.98 18.82 6.24
CA LEU B 220 -9.40 17.85 5.24
C LEU B 220 -10.18 18.47 4.09
N GLU B 221 -10.89 19.58 4.34
CA GLU B 221 -11.75 20.16 3.31
C GLU B 221 -10.91 20.61 2.12
N PRO B 222 -11.44 20.49 0.89
CA PRO B 222 -10.61 20.75 -0.30
C PRO B 222 -10.07 22.16 -0.39
N GLY B 223 -10.77 23.16 0.17
CA GLY B 223 -10.25 24.51 0.17
C GLY B 223 -8.93 24.63 0.91
N ALA B 224 -8.79 23.89 2.00
CA ALA B 224 -7.56 23.85 2.82
C ALA B 224 -7.24 25.27 3.26
N PHE B 225 -6.01 25.75 3.13
CA PHE B 225 -5.60 27.10 3.50
C PHE B 225 -4.82 27.75 2.37
N SER B 226 -5.39 27.72 1.16
CA SER B 226 -4.74 28.28 -0.01
C SER B 226 -4.41 29.77 0.15
N GLU B 227 -5.11 30.47 1.05
CA GLU B 227 -4.79 31.86 1.34
C GLU B 227 -3.31 32.02 1.68
N LEU B 228 -2.80 31.14 2.53
CA LEU B 228 -1.40 31.19 2.94
C LEU B 228 -0.47 30.70 1.84
N TYR B 229 -1.00 29.99 0.84
CA TYR B 229 -0.18 29.39 -0.21
C TYR B 229 -0.08 30.29 -1.44
N GLN B 230 -0.67 31.48 -1.40
CA GLN B 230 -0.56 32.43 -2.48
C GLN B 230 0.73 33.23 -2.39
N ARG B 231 1.35 33.51 -3.53
CA ARG B 231 2.54 34.33 -3.58
C ARG B 231 2.35 35.46 -4.58
N TYR B 232 2.98 36.60 -4.29
CA TYR B 232 2.77 37.80 -5.09
C TYR B 232 3.45 37.69 -6.44
N ARG B 233 2.67 37.82 -7.51
CA ARG B 233 3.20 37.83 -8.88
C ARG B 233 2.48 38.95 -9.64
N HIS B 234 3.03 40.16 -9.59
CA HIS B 234 2.44 41.29 -10.28
C HIS B 234 3.52 42.34 -10.50
N CYS B 235 3.47 43.01 -11.66
CA CYS B 235 4.44 44.04 -12.00
C CYS B 235 3.94 45.39 -11.50
N ASP B 236 4.69 46.00 -10.58
CA ASP B 236 4.37 47.29 -9.99
C ASP B 236 5.18 48.43 -10.59
N ALA B 237 5.79 48.20 -11.75
CA ALA B 237 6.57 49.25 -12.41
C ALA B 237 5.66 50.41 -12.78
N PRO B 238 6.15 51.66 -12.73
CA PRO B 238 5.29 52.80 -13.08
C PRO B 238 4.71 52.70 -14.48
N ILE B 239 5.49 52.21 -15.44
CA ILE B 239 4.97 51.80 -16.74
C ILE B 239 5.52 50.42 -17.03
N CYS B 240 4.63 49.50 -17.41
CA CYS B 240 5.03 48.13 -17.71
C CYS B 240 5.44 48.07 -19.18
N LEU B 241 6.74 47.97 -19.44
CA LEU B 241 7.24 47.88 -20.79
C LEU B 241 7.08 46.47 -21.38
N TYR B 242 6.26 45.63 -20.74
CA TYR B 242 5.94 44.31 -21.27
C TYR B 242 4.53 44.34 -21.86
N GLU B 243 4.42 43.85 -23.09
CA GLU B 243 3.19 44.04 -23.86
C GLU B 243 2.05 43.15 -23.37
N GLN B 244 2.34 41.95 -22.88
CA GLN B 244 1.30 41.02 -22.47
C GLN B 244 0.70 41.38 -21.11
N GLY B 245 1.16 42.45 -20.46
CA GLY B 245 0.48 42.96 -19.29
C GLY B 245 1.20 42.81 -17.96
N ARG B 246 0.42 42.63 -16.90
CA ARG B 246 0.95 42.62 -15.54
C ARG B 246 1.01 41.24 -14.90
N ASP B 247 0.20 40.29 -15.35
CA ASP B 247 0.04 39.00 -14.68
C ASP B 247 0.66 37.85 -15.45
N SER B 248 1.53 38.13 -16.42
CA SER B 248 2.17 37.10 -17.22
C SER B 248 3.68 37.32 -17.15
N PHE B 249 4.39 36.37 -16.53
CA PHE B 249 5.82 36.51 -16.28
C PHE B 249 6.55 35.33 -16.92
N GLU B 250 7.55 35.65 -17.75
CA GLU B 250 8.40 34.61 -18.31
C GLU B 250 9.20 33.94 -17.20
N ASP B 251 9.43 32.62 -17.35
CA ASP B 251 10.15 31.89 -16.31
C ASP B 251 11.55 32.46 -16.12
N GLU B 252 12.29 32.66 -17.21
CA GLU B 252 13.56 33.37 -17.20
C GLU B 252 13.66 34.21 -18.46
N GLY B 253 14.55 35.19 -18.43
CA GLY B 253 14.68 36.16 -19.48
C GLY B 253 14.53 37.57 -18.96
N ARG B 254 14.56 38.53 -19.89
CA ARG B 254 14.31 39.92 -19.53
C ARG B 254 12.90 40.14 -19.02
N TRP B 255 11.99 39.18 -19.23
CA TRP B 255 10.63 39.28 -18.73
C TRP B 255 10.44 38.50 -17.43
N ARG B 256 11.50 38.27 -16.68
CA ARG B 256 11.39 37.48 -15.47
C ARG B 256 10.71 38.32 -14.39
N LEU B 257 10.32 37.66 -13.30
CA LEU B 257 9.76 38.34 -12.15
C LEU B 257 10.83 38.56 -11.09
N ILE B 258 10.85 39.76 -10.53
CA ILE B 258 11.71 40.10 -9.41
C ILE B 258 10.84 40.78 -8.38
N LEU B 259 11.04 40.42 -7.11
CA LEU B 259 10.24 40.93 -6.01
C LEU B 259 11.12 41.81 -5.14
N CYS B 260 10.48 42.73 -4.42
CA CYS B 260 11.23 43.61 -3.54
C CYS B 260 11.98 42.80 -2.50
N ALA B 261 13.27 43.08 -2.35
CA ALA B 261 14.09 42.34 -1.40
C ALA B 261 13.71 42.63 0.04
N THR B 262 13.08 43.76 0.30
CA THR B 262 12.69 44.15 1.65
C THR B 262 11.30 43.65 2.01
N CYS B 263 10.29 43.97 1.20
CA CYS B 263 8.91 43.60 1.52
C CYS B 263 8.43 42.35 0.80
N GLY B 264 8.86 42.15 -0.44
CA GLY B 264 8.35 41.05 -1.25
C GLY B 264 6.91 41.21 -1.71
N SER B 265 6.19 42.21 -1.20
CA SER B 265 4.81 42.44 -1.60
C SER B 265 4.68 43.09 -2.97
N HIS B 266 5.77 43.66 -3.48
CA HIS B 266 5.76 44.37 -4.75
C HIS B 266 6.74 43.70 -5.72
N GLY B 267 6.35 43.61 -6.98
CA GLY B 267 7.15 42.94 -7.98
C GLY B 267 7.20 43.71 -9.28
N THR B 268 8.08 43.24 -10.17
CA THR B 268 8.27 43.89 -11.46
C THR B 268 8.96 42.92 -12.41
N HIS B 269 8.97 43.27 -13.68
CA HIS B 269 9.84 42.59 -14.62
C HIS B 269 11.27 43.10 -14.46
N ARG B 270 12.22 42.35 -15.02
CA ARG B 270 13.62 42.75 -14.90
C ARG B 270 13.90 44.01 -15.70
N ASP B 271 13.46 44.06 -16.95
CA ASP B 271 13.66 45.22 -17.81
C ASP B 271 12.67 46.36 -17.54
N CYS B 272 11.50 46.09 -16.95
CA CYS B 272 10.57 47.16 -16.62
C CYS B 272 11.18 48.14 -15.63
N SER B 273 11.82 47.62 -14.58
CA SER B 273 12.45 48.48 -13.58
C SER B 273 13.90 48.79 -13.91
N SER B 274 14.34 48.48 -15.12
CA SER B 274 15.71 48.73 -15.57
C SER B 274 16.72 48.04 -14.66
N LEU B 275 16.64 46.71 -14.63
CA LEU B 275 17.54 45.89 -13.83
C LEU B 275 18.45 45.07 -14.72
N ARG B 276 19.64 44.80 -14.21
CA ARG B 276 20.60 43.97 -14.92
C ARG B 276 20.06 42.56 -15.09
N PRO B 277 20.48 41.84 -16.14
CA PRO B 277 19.90 40.51 -16.40
C PRO B 277 20.03 39.52 -15.26
N ASN B 278 21.11 39.57 -14.48
CA ASN B 278 21.22 38.69 -13.33
C ASN B 278 20.47 39.24 -12.11
N SER B 279 20.28 40.56 -12.06
CA SER B 279 19.52 41.23 -11.00
C SER B 279 20.05 40.91 -9.61
N LYS B 280 19.39 39.97 -8.93
CA LYS B 280 19.70 39.43 -7.60
C LYS B 280 19.32 40.37 -6.47
N LYS B 281 18.89 41.61 -6.74
CA LYS B 281 18.36 42.46 -5.68
C LYS B 281 17.60 43.63 -6.31
N TRP B 282 16.49 44.00 -5.67
CA TRP B 282 15.67 45.13 -6.10
C TRP B 282 14.85 45.63 -4.92
N GLU B 283 14.51 46.91 -4.95
CA GLU B 283 13.63 47.50 -3.94
C GLU B 283 12.55 48.34 -4.62
N CYS B 284 11.33 48.24 -4.12
CA CYS B 284 10.21 48.98 -4.68
C CYS B 284 10.19 50.43 -4.16
N ASN B 285 9.31 51.24 -4.77
CA ASN B 285 9.19 52.63 -4.37
C ASN B 285 8.50 52.80 -3.02
N GLU B 286 7.63 51.83 -2.67
CA GLU B 286 6.89 51.93 -1.43
C GLU B 286 7.88 51.72 -0.32
N CYS B 287 8.79 50.78 -0.53
CA CYS B 287 9.80 50.62 0.49
C CYS B 287 10.85 51.68 0.32
N LEU B 288 10.92 52.24 -0.89
CA LEU B 288 11.86 53.31 -1.17
C LEU B 288 13.19 53.10 -0.47
N ALA B 310 -24.47 25.30 12.85
CA ALA B 310 -25.29 26.35 12.26
C ALA B 310 -25.91 27.23 13.33
N SER B 311 -27.02 26.76 13.91
CA SER B 311 -27.67 27.51 14.99
C SER B 311 -26.80 27.56 16.24
N MET B 312 -26.11 26.45 16.56
CA MET B 312 -25.16 26.48 17.68
C MET B 312 -24.07 27.49 17.42
N ALA B 313 -23.76 27.73 16.14
CA ALA B 313 -22.67 28.63 15.82
C ALA B 313 -23.17 30.05 16.02
N LEU B 314 -24.42 30.29 15.65
CA LEU B 314 -24.99 31.63 15.76
C LEU B 314 -25.10 32.01 17.22
N LYS B 315 -25.58 31.06 18.04
CA LYS B 315 -25.71 31.29 19.48
C LYS B 315 -24.36 31.60 20.12
N ARG B 316 -23.34 30.79 19.79
CA ARG B 316 -22.00 31.05 20.32
C ARG B 316 -21.49 32.41 19.87
N ILE B 317 -21.72 32.76 18.60
CA ILE B 317 -21.25 34.03 18.06
C ILE B 317 -21.90 35.19 18.76
N HIS B 318 -23.21 35.09 19.05
CA HIS B 318 -23.86 36.18 19.76
C HIS B 318 -23.27 36.33 21.17
N LYS B 319 -23.03 35.20 21.83
CA LYS B 319 -22.44 35.24 23.17
C LYS B 319 -21.05 35.87 23.14
N GLU B 320 -20.22 35.45 22.18
CA GLU B 320 -18.87 35.99 22.05
C GLU B 320 -18.88 37.47 21.70
N LEU B 321 -19.85 37.90 20.88
CA LEU B 321 -19.99 39.31 20.55
C LEU B 321 -20.28 40.10 21.81
N ASN B 322 -21.18 39.60 22.65
CA ASN B 322 -21.49 40.33 23.88
C ASN B 322 -20.26 40.38 24.79
N ASP B 323 -19.52 39.27 24.89
CA ASP B 323 -18.32 39.29 25.73
C ASP B 323 -17.30 40.29 25.21
N LEU B 324 -17.16 40.38 23.89
CA LEU B 324 -16.23 41.34 23.28
C LEU B 324 -16.68 42.77 23.54
N ALA B 325 -18.00 42.98 23.59
CA ALA B 325 -18.52 44.32 23.86
C ALA B 325 -18.25 44.71 25.31
N ARG B 326 -18.28 43.74 26.21
CA ARG B 326 -18.10 43.97 27.64
C ARG B 326 -16.63 44.14 28.00
N ASP B 327 -15.76 43.35 27.38
CA ASP B 327 -14.32 43.34 27.67
C ASP B 327 -13.46 43.29 26.42
N PRO B 328 -13.21 44.43 25.78
CA PRO B 328 -12.43 44.43 24.54
C PRO B 328 -10.99 44.11 24.88
N PRO B 329 -10.36 43.24 24.09
CA PRO B 329 -8.93 42.94 24.31
C PRO B 329 -7.93 44.08 24.23
N ALA B 330 -7.79 44.73 23.06
CA ALA B 330 -6.84 45.84 22.90
C ALA B 330 -7.53 46.96 22.10
N GLN B 331 -8.75 47.30 22.50
CA GLN B 331 -9.42 48.51 22.10
C GLN B 331 -10.17 48.20 20.83
N CYS B 332 -10.23 46.91 20.57
CA CYS B 332 -10.82 46.32 19.38
C CYS B 332 -12.34 46.44 19.44
N ARG B 333 -12.88 47.08 18.42
CA ARG B 333 -14.31 47.23 18.24
C ARG B 333 -14.69 46.39 17.04
N ALA B 334 -15.68 45.53 17.21
CA ALA B 334 -16.01 44.51 16.23
C ALA B 334 -17.51 44.37 16.12
N GLY B 335 -17.95 44.00 14.91
CA GLY B 335 -19.35 43.77 14.68
C GLY B 335 -19.70 43.14 13.34
N PRO B 336 -20.94 42.65 13.24
CA PRO B 336 -21.41 41.98 12.02
C PRO B 336 -21.46 42.91 10.82
N VAL B 337 -21.26 42.34 9.63
CA VAL B 337 -21.45 43.08 8.39
C VAL B 337 -22.91 42.94 7.98
N GLY B 338 -23.62 44.07 7.97
CA GLY B 338 -25.04 44.03 7.68
C GLY B 338 -25.71 43.17 8.72
N ASP B 339 -26.55 42.27 8.24
CA ASP B 339 -27.30 41.34 9.06
C ASP B 339 -26.66 39.97 9.07
N ASP B 340 -25.48 39.82 8.44
CA ASP B 340 -24.83 38.53 8.36
C ASP B 340 -23.93 38.34 9.57
N MET B 341 -24.33 37.44 10.47
CA MET B 341 -23.65 37.18 11.73
C MET B 341 -22.40 36.33 11.57
N PHE B 342 -22.17 35.77 10.37
CA PHE B 342 -21.03 34.89 10.15
C PHE B 342 -19.89 35.64 9.48
N HIS B 343 -20.10 36.92 9.18
CA HIS B 343 -19.08 37.81 8.62
C HIS B 343 -18.99 39.06 9.47
N TRP B 344 -17.86 39.26 10.14
CA TRP B 344 -17.67 40.40 11.01
C TRP B 344 -16.58 41.29 10.44
N GLN B 345 -16.69 42.58 10.71
CA GLN B 345 -15.59 43.52 10.58
C GLN B 345 -15.13 43.94 11.97
N ALA B 346 -13.82 43.99 12.15
CA ALA B 346 -13.17 44.38 13.40
C ALA B 346 -12.10 45.44 13.18
N THR B 347 -11.77 46.15 14.26
CA THR B 347 -10.70 47.13 14.26
C THR B 347 -9.79 46.80 15.43
N ILE B 348 -8.48 46.84 15.20
CA ILE B 348 -7.46 46.67 16.22
C ILE B 348 -6.60 47.93 16.30
N MET B 349 -6.52 48.51 17.50
CA MET B 349 -5.58 49.60 17.75
C MET B 349 -4.18 49.05 17.99
N GLY B 350 -3.23 49.53 17.18
CA GLY B 350 -1.84 49.17 17.20
C GLY B 350 -1.15 49.18 18.55
N PRO B 351 -0.42 48.09 18.87
CA PRO B 351 0.24 48.01 20.18
C PRO B 351 1.23 49.16 20.37
N ASN B 352 1.33 49.61 21.63
CA ASN B 352 2.25 50.67 22.03
C ASN B 352 3.73 50.34 21.81
N ASP B 353 4.19 49.19 22.30
CA ASP B 353 5.60 48.80 22.14
C ASP B 353 5.92 48.14 20.80
N SER B 354 5.19 48.48 19.76
CA SER B 354 5.50 47.99 18.43
C SER B 354 5.63 49.11 17.41
N PRO B 355 6.25 48.83 16.26
CA PRO B 355 6.38 49.84 15.19
C PRO B 355 5.04 50.23 14.58
N TYR B 356 3.95 49.65 15.05
CA TYR B 356 2.61 49.83 14.53
C TYR B 356 1.78 50.74 15.42
N GLN B 357 2.40 51.31 16.46
CA GLN B 357 1.72 52.15 17.43
C GLN B 357 1.06 53.33 16.71
N GLY B 358 -0.20 53.56 17.03
CA GLY B 358 -0.98 54.64 16.47
C GLY B 358 -1.80 54.24 15.26
N GLY B 359 -1.52 53.10 14.65
CA GLY B 359 -2.28 52.66 13.49
C GLY B 359 -3.53 51.92 13.94
N VAL B 360 -4.62 52.14 13.19
CA VAL B 360 -5.84 51.38 13.34
C VAL B 360 -5.99 50.43 12.16
N PHE B 361 -5.95 49.13 12.42
CA PHE B 361 -5.98 48.11 11.38
C PHE B 361 -7.34 47.42 11.39
N PHE B 362 -7.97 47.35 10.22
CA PHE B 362 -9.28 46.73 10.08
C PHE B 362 -9.10 45.29 9.60
N LEU B 363 -9.92 44.39 10.15
CA LEU B 363 -9.91 42.98 9.80
C LEU B 363 -11.29 42.48 9.41
N THR B 364 -11.29 41.45 8.56
CA THR B 364 -12.50 40.69 8.25
C THR B 364 -12.40 39.31 8.89
N ILE B 365 -13.52 38.87 9.47
CA ILE B 365 -13.65 37.58 10.14
C ILE B 365 -14.82 36.82 9.54
N HIS B 366 -14.58 35.60 9.09
CA HIS B 366 -15.68 34.76 8.62
C HIS B 366 -15.79 33.54 9.52
N PHE B 367 -16.96 33.35 10.13
CA PHE B 367 -17.07 32.16 10.96
C PHE B 367 -17.57 30.99 10.11
N PRO B 368 -16.98 29.81 10.25
CA PRO B 368 -17.54 28.62 9.61
C PRO B 368 -18.84 28.17 10.26
N THR B 369 -19.57 27.35 9.50
CA THR B 369 -20.89 26.89 9.93
C THR B 369 -20.80 25.99 11.16
N ASP B 370 -19.64 25.41 11.43
CA ASP B 370 -19.48 24.53 12.58
C ASP B 370 -18.63 25.19 13.66
N TYR B 371 -18.68 26.51 13.72
CA TYR B 371 -18.01 27.24 14.78
C TYR B 371 -18.58 26.79 16.13
N PRO B 372 -17.74 26.47 17.13
CA PRO B 372 -16.33 26.86 17.16
C PRO B 372 -15.44 25.67 16.88
N PHE B 373 -16.04 24.65 16.26
CA PHE B 373 -15.33 23.40 16.05
C PHE B 373 -14.32 23.53 14.93
N LYS B 374 -14.48 24.52 14.04
CA LYS B 374 -13.48 24.92 13.07
C LYS B 374 -13.07 26.36 13.31
N PRO B 375 -11.81 26.71 13.02
CA PRO B 375 -11.35 28.08 13.26
C PRO B 375 -12.03 29.07 12.31
N PRO B 376 -12.23 30.31 12.75
CA PRO B 376 -12.67 31.34 11.82
C PRO B 376 -11.57 31.74 10.86
N LYS B 377 -11.98 32.25 9.69
CA LYS B 377 -11.06 32.85 8.73
C LYS B 377 -10.87 34.32 9.08
N VAL B 378 -9.63 34.72 9.37
CA VAL B 378 -9.33 36.08 9.78
C VAL B 378 -8.30 36.66 8.82
N ALA B 379 -8.57 37.86 8.31
CA ALA B 379 -7.64 38.48 7.38
C ALA B 379 -7.59 40.00 7.56
N PHE B 380 -6.40 40.56 7.40
CA PHE B 380 -6.22 42.01 7.42
C PHE B 380 -6.78 42.66 6.16
N THR B 381 -7.56 43.74 6.33
CA THR B 381 -7.93 44.54 5.18
C THR B 381 -6.95 45.70 4.98
N THR B 382 -6.30 46.14 6.05
CA THR B 382 -5.28 47.17 6.02
C THR B 382 -3.90 46.55 5.77
N ARG B 383 -3.17 47.09 4.81
CA ARG B 383 -1.81 46.62 4.54
C ARG B 383 -0.90 46.87 5.73
N ILE B 384 -0.07 45.88 6.05
CA ILE B 384 0.84 45.93 7.19
C ILE B 384 2.15 45.23 6.84
N TYR B 385 3.26 45.86 7.21
CA TYR B 385 4.60 45.29 7.03
C TYR B 385 4.91 44.31 8.16
N HIS B 386 4.62 43.02 7.92
CA HIS B 386 4.80 41.99 8.92
C HIS B 386 5.15 40.66 8.25
N PRO B 387 6.09 39.89 8.82
CA PRO B 387 6.51 38.64 8.16
C PRO B 387 5.42 37.59 8.06
N ASN B 388 4.37 37.65 8.88
CA ASN B 388 3.37 36.60 8.94
C ASN B 388 2.04 37.04 8.33
N ILE B 389 2.02 38.18 7.66
CA ILE B 389 0.86 38.72 6.97
C ILE B 389 1.30 39.17 5.58
N ASN B 390 0.64 38.62 4.56
CA ASN B 390 1.00 38.88 3.17
C ASN B 390 0.21 40.05 2.62
N SER B 391 0.52 40.44 1.38
CA SER B 391 -0.06 41.65 0.81
C SER B 391 -1.58 41.57 0.66
N ASN B 392 -2.14 40.35 0.62
CA ASN B 392 -3.59 40.21 0.56
C ASN B 392 -4.26 40.32 1.92
N GLY B 393 -3.48 40.36 3.00
CA GLY B 393 -3.99 40.50 4.35
C GLY B 393 -4.19 39.19 5.10
N SER B 394 -3.85 38.06 4.49
CA SER B 394 -3.98 36.77 5.15
C SER B 394 -2.96 36.67 6.28
N ILE B 395 -3.33 36.02 7.38
CA ILE B 395 -2.50 35.98 8.58
C ILE B 395 -2.09 34.54 8.83
N LYS B 396 -0.78 34.31 8.96
CA LYS B 396 -0.22 33.00 9.30
C LYS B 396 -0.07 32.95 10.82
N LEU B 397 -1.18 32.63 11.46
CA LEU B 397 -1.28 32.53 12.91
C LEU B 397 -1.66 31.10 13.27
N ASP B 398 -0.87 30.48 14.16
CA ASP B 398 -1.01 29.06 14.41
C ASP B 398 -2.41 28.72 14.91
N ILE B 399 -3.02 29.63 15.68
CA ILE B 399 -4.31 29.34 16.32
C ILE B 399 -5.45 29.35 15.30
N LEU B 400 -5.20 29.85 14.10
CA LEU B 400 -6.17 29.86 13.02
C LEU B 400 -6.03 28.66 12.11
N ARG B 401 -5.09 27.77 12.40
CA ARG B 401 -4.82 26.58 11.59
C ARG B 401 -4.68 25.38 12.52
N SER B 402 -3.86 25.54 13.56
CA SER B 402 -3.47 24.46 14.45
C SER B 402 -3.71 24.87 15.90
N GLN B 403 -3.59 23.89 16.79
CA GLN B 403 -3.85 24.09 18.21
C GLN B 403 -5.21 24.75 18.48
N TRP B 404 -6.09 24.79 17.48
CA TRP B 404 -7.42 25.36 17.70
C TRP B 404 -8.18 24.54 18.73
N SER B 405 -8.83 25.23 19.66
CA SER B 405 -9.76 24.58 20.57
C SER B 405 -11.11 25.29 20.52
N PRO B 406 -12.22 24.56 20.40
CA PRO B 406 -13.53 25.22 20.36
C PRO B 406 -13.83 26.04 21.60
N ALA B 407 -13.02 25.92 22.66
CA ALA B 407 -13.23 26.74 23.85
C ALA B 407 -12.62 28.12 23.66
N LEU B 408 -11.75 28.28 22.67
CA LEU B 408 -11.17 29.57 22.34
C LEU B 408 -12.24 30.49 21.79
N THR B 409 -12.16 31.76 22.16
CA THR B 409 -13.08 32.77 21.67
C THR B 409 -12.35 33.75 20.74
N ILE B 410 -13.16 34.52 20.00
CA ILE B 410 -12.63 35.54 19.09
C ILE B 410 -11.77 36.54 19.85
N SER B 411 -12.10 36.78 21.13
CA SER B 411 -11.30 37.68 21.95
C SER B 411 -9.88 37.13 22.09
N LYS B 412 -9.76 35.82 22.31
CA LYS B 412 -8.45 35.20 22.45
C LYS B 412 -7.70 35.25 21.13
N VAL B 413 -8.43 35.09 20.02
CA VAL B 413 -7.80 35.18 18.70
C VAL B 413 -7.22 36.58 18.51
N LEU B 414 -8.01 37.61 18.80
CA LEU B 414 -7.54 38.98 18.65
C LEU B 414 -6.34 39.26 19.56
N LEU B 415 -6.34 38.70 20.77
CA LEU B 415 -5.20 38.87 21.65
C LEU B 415 -3.96 38.18 21.07
N SER B 416 -4.15 37.02 20.45
CA SER B 416 -3.02 36.33 19.83
C SER B 416 -2.49 37.14 18.65
N ILE B 417 -3.39 37.77 17.89
CA ILE B 417 -2.94 38.59 16.77
C ILE B 417 -2.15 39.80 17.27
N CYS B 418 -2.60 40.41 18.37
CA CYS B 418 -1.84 41.52 18.96
C CYS B 418 -0.45 41.05 19.40
N SER B 419 -0.38 39.87 20.01
CA SER B 419 0.91 39.34 20.43
C SER B 419 1.80 39.08 19.22
N LEU B 420 1.22 38.52 18.15
CA LEU B 420 1.99 38.31 16.94
C LEU B 420 2.52 39.64 16.42
N LEU B 421 1.69 40.69 16.50
CA LEU B 421 2.13 42.01 16.06
C LEU B 421 3.35 42.44 16.84
N CYS B 422 3.42 42.07 18.13
CA CYS B 422 4.53 42.53 18.94
C CYS B 422 5.71 41.57 18.91
N ASP B 423 5.45 40.28 18.72
CA ASP B 423 6.45 39.22 18.71
C ASP B 423 6.28 38.34 17.47
N PRO B 424 6.73 38.80 16.30
CA PRO B 424 6.53 38.00 15.09
C PRO B 424 7.31 36.69 15.16
N ASN B 425 6.95 35.75 14.30
CA ASN B 425 7.69 34.49 14.16
C ASN B 425 8.41 34.37 12.82
N PRO B 426 9.62 34.91 12.70
CA PRO B 426 10.35 34.90 11.41
C PRO B 426 10.80 33.52 10.96
N ASP B 427 10.82 32.52 11.84
CA ASP B 427 11.27 31.18 11.47
C ASP B 427 10.22 30.37 10.72
N ASP B 428 8.97 30.81 10.71
CA ASP B 428 7.90 30.18 9.93
C ASP B 428 7.20 31.30 9.17
N PRO B 429 7.92 31.98 8.26
CA PRO B 429 7.38 33.19 7.64
C PRO B 429 6.43 32.94 6.48
N LEU B 430 5.40 33.77 6.41
CA LEU B 430 4.56 33.84 5.23
C LEU B 430 5.19 34.73 4.16
N VAL B 431 5.96 35.74 4.56
CA VAL B 431 6.68 36.60 3.65
C VAL B 431 8.17 36.52 3.98
N PRO B 432 8.92 35.67 3.28
CA PRO B 432 10.34 35.46 3.64
C PRO B 432 11.19 36.72 3.61
N GLU B 433 10.92 37.66 2.71
CA GLU B 433 11.73 38.89 2.64
C GLU B 433 11.62 39.69 3.92
N ILE B 434 10.41 39.83 4.47
CA ILE B 434 10.24 40.62 5.68
C ILE B 434 10.87 39.88 6.85
N ALA B 435 10.72 38.56 6.90
CA ALA B 435 11.36 37.78 7.96
C ALA B 435 12.87 37.99 7.92
N ARG B 436 13.45 37.99 6.71
CA ARG B 436 14.89 38.21 6.57
C ARG B 436 15.28 39.58 7.09
N ILE B 437 14.48 40.60 6.79
CA ILE B 437 14.82 41.93 7.28
C ILE B 437 14.72 41.98 8.80
N TYR B 438 13.67 41.37 9.36
CA TYR B 438 13.51 41.31 10.81
C TYR B 438 14.69 40.61 11.47
N LYS B 439 15.18 39.53 10.87
CA LYS B 439 16.24 38.73 11.49
C LYS B 439 17.62 39.33 11.31
N THR B 440 17.87 40.04 10.21
CA THR B 440 19.23 40.43 9.90
C THR B 440 19.52 41.90 10.16
N ASP B 441 18.54 42.78 10.04
CA ASP B 441 18.83 44.20 10.21
C ASP B 441 17.65 44.91 10.87
N ARG B 442 17.63 44.91 12.20
CA ARG B 442 16.47 45.49 12.86
C ARG B 442 16.50 47.00 12.64
N GLU B 443 15.49 47.69 13.16
CA GLU B 443 15.34 49.13 13.04
C GLU B 443 14.91 49.40 11.60
N LYS B 444 15.53 48.72 10.62
CA LYS B 444 15.06 48.89 9.25
C LYS B 444 13.65 48.36 9.18
N TYR B 445 13.42 47.22 9.85
CA TYR B 445 12.10 46.63 9.95
C TYR B 445 11.16 47.62 10.61
N ASN B 446 11.60 48.22 11.73
CA ASN B 446 10.81 49.15 12.48
C ASN B 446 10.55 50.44 11.70
N ARG B 447 11.55 50.92 10.97
CA ARG B 447 11.37 52.13 10.17
C ARG B 447 10.34 51.90 9.09
N ILE B 448 10.43 50.76 8.40
CA ILE B 448 9.52 50.49 7.30
C ILE B 448 8.13 50.20 7.83
N ALA B 449 8.04 49.44 8.94
CA ALA B 449 6.75 49.17 9.56
C ALA B 449 6.07 50.47 9.98
N ARG B 450 6.82 51.42 10.52
CA ARG B 450 6.24 52.70 10.93
C ARG B 450 5.78 53.49 9.70
N GLU B 451 6.57 53.46 8.63
CA GLU B 451 6.19 54.17 7.43
C GLU B 451 4.91 53.58 6.83
N TRP B 452 4.81 52.25 6.84
CA TRP B 452 3.62 51.58 6.33
C TRP B 452 2.42 51.88 7.22
N THR B 453 2.61 51.87 8.54
CA THR B 453 1.51 52.22 9.45
C THR B 453 0.99 53.62 9.16
N GLN B 454 1.90 54.57 8.95
CA GLN B 454 1.53 55.95 8.63
C GLN B 454 0.85 56.04 7.26
N LYS B 455 1.26 55.19 6.32
CA LYS B 455 0.82 55.25 4.93
C LYS B 455 -0.55 54.63 4.74
N TYR B 456 -0.83 53.51 5.41
CA TYR B 456 -1.98 52.68 5.12
C TYR B 456 -3.07 52.79 6.19
N ALA B 457 -2.73 53.30 7.36
CA ALA B 457 -3.57 53.35 8.56
C ALA B 457 -3.75 54.83 8.84
N MET B 458 -4.48 55.19 9.88
CA MET B 458 -4.64 56.63 10.12
C MET B 458 -3.34 57.22 10.66
N PRO C 18 7.72 -14.56 -1.56
CA PRO C 18 7.46 -15.46 -2.68
C PRO C 18 8.72 -15.80 -3.46
N VAL C 19 9.57 -16.66 -2.91
CA VAL C 19 10.81 -17.09 -3.54
C VAL C 19 10.85 -18.61 -3.55
N CYS C 20 11.61 -19.15 -4.50
CA CYS C 20 11.74 -20.60 -4.64
C CYS C 20 12.30 -21.21 -3.37
N LEU C 21 11.72 -22.34 -2.96
CA LEU C 21 12.18 -23.02 -1.75
C LEU C 21 13.61 -23.53 -1.89
N LEU C 22 14.05 -23.80 -3.12
CA LEU C 22 15.39 -24.34 -3.33
C LEU C 22 16.42 -23.24 -3.63
N CYS C 23 16.19 -22.46 -4.68
CA CYS C 23 17.18 -21.45 -5.08
C CYS C 23 17.02 -20.12 -4.35
N LEU C 24 15.98 -19.97 -3.53
CA LEU C 24 15.74 -18.74 -2.77
C LEU C 24 15.72 -17.52 -3.68
N GLN C 25 15.06 -17.65 -4.83
CA GLN C 25 15.02 -16.59 -5.83
C GLN C 25 13.61 -16.45 -6.37
N GLU C 26 13.30 -15.25 -6.84
CA GLU C 26 11.98 -14.93 -7.38
C GLU C 26 11.79 -15.55 -8.76
N PRO C 27 10.53 -15.77 -9.17
CA PRO C 27 10.28 -16.28 -10.53
C PRO C 27 10.60 -15.26 -11.60
N GLY C 28 11.87 -14.88 -11.74
CA GLY C 28 12.30 -13.97 -12.77
C GLY C 28 11.89 -14.34 -14.18
N ASP C 29 12.57 -15.31 -14.77
CA ASP C 29 12.26 -15.78 -16.12
C ASP C 29 11.79 -17.22 -16.08
N PRO C 30 10.51 -17.50 -16.37
CA PRO C 30 10.08 -18.90 -16.47
C PRO C 30 10.79 -19.69 -17.54
N GLU C 31 11.33 -19.02 -18.57
CA GLU C 31 12.09 -19.73 -19.60
C GLU C 31 13.45 -20.21 -19.09
N LYS C 32 14.01 -19.52 -18.11
CA LYS C 32 15.33 -19.88 -17.59
C LYS C 32 15.28 -20.67 -16.29
N LEU C 33 14.20 -20.56 -15.52
CA LEU C 33 14.07 -21.26 -14.25
C LEU C 33 12.84 -22.14 -14.15
N GLY C 34 12.01 -22.20 -15.19
CA GLY C 34 10.83 -23.03 -15.15
C GLY C 34 9.60 -22.30 -14.61
N GLU C 35 8.44 -22.88 -14.89
CA GLU C 35 7.17 -22.33 -14.43
C GLU C 35 7.10 -22.34 -12.91
N PHE C 36 6.76 -21.19 -12.34
CA PHE C 36 6.57 -21.08 -10.90
C PHE C 36 5.31 -21.83 -10.48
N LEU C 37 5.44 -22.71 -9.50
CA LEU C 37 4.34 -23.57 -9.08
C LEU C 37 3.92 -23.19 -7.66
N GLN C 38 2.64 -22.88 -7.50
CA GLN C 38 2.04 -22.51 -6.21
C GLN C 38 0.77 -23.34 -5.98
N LYS C 39 0.90 -24.66 -6.02
CA LYS C 39 -0.28 -25.53 -5.97
C LYS C 39 -0.56 -26.14 -4.61
N ASP C 40 0.44 -26.37 -3.77
CA ASP C 40 0.24 -27.00 -2.47
C ASP C 40 0.88 -26.17 -1.36
N ASN C 41 0.60 -24.86 -1.37
CA ASN C 41 1.17 -23.89 -0.44
C ASN C 41 2.69 -23.84 -0.54
N LEU C 42 3.27 -24.52 -1.51
CA LEU C 42 4.70 -24.57 -1.75
C LEU C 42 5.03 -23.70 -2.97
N CYS C 43 6.21 -23.10 -2.94
CA CYS C 43 6.64 -22.18 -3.99
C CYS C 43 8.04 -22.59 -4.45
N VAL C 44 8.12 -23.15 -5.65
CA VAL C 44 9.36 -23.73 -6.16
C VAL C 44 9.35 -23.62 -7.68
N HIS C 45 10.53 -23.43 -8.27
CA HIS C 45 10.66 -23.45 -9.71
C HIS C 45 10.58 -24.88 -10.24
N TYR C 46 10.04 -25.02 -11.45
CA TYR C 46 9.96 -26.34 -12.07
C TYR C 46 11.34 -26.90 -12.37
N PHE C 47 12.23 -26.08 -12.92
CA PHE C 47 13.59 -26.56 -13.21
C PHE C 47 14.34 -26.91 -11.92
N CYS C 48 14.23 -26.05 -10.90
CA CYS C 48 14.80 -26.38 -9.61
C CYS C 48 14.22 -27.67 -9.07
N LEU C 49 12.93 -27.89 -9.29
CA LEU C 49 12.25 -29.07 -8.79
C LEU C 49 12.77 -30.34 -9.45
N ILE C 50 12.81 -30.37 -10.78
CA ILE C 50 13.21 -31.59 -11.49
C ILE C 50 14.71 -31.83 -11.38
N LEU C 51 15.51 -30.76 -11.50
CA LEU C 51 16.97 -30.89 -11.52
C LEU C 51 17.57 -31.11 -10.14
N SER C 52 16.77 -31.00 -9.09
CA SER C 52 17.26 -31.22 -7.73
C SER C 52 17.88 -32.60 -7.58
N SER C 53 19.05 -32.65 -6.94
CA SER C 53 19.79 -33.91 -6.86
C SER C 53 19.12 -34.87 -5.88
N ARG C 54 18.45 -34.33 -4.86
CA ARG C 54 17.81 -35.20 -3.87
C ARG C 54 16.51 -35.78 -4.42
N LEU C 55 15.81 -35.03 -5.27
CA LEU C 55 14.66 -35.50 -6.02
C LEU C 55 13.62 -36.18 -5.13
N GLN C 57 10.79 -38.56 -8.36
CA GLN C 57 9.51 -38.86 -8.96
C GLN C 57 8.78 -39.86 -8.06
N LYS C 58 8.68 -39.48 -6.77
CA LYS C 58 8.11 -40.38 -5.77
C LYS C 58 6.61 -40.57 -5.97
N GLY C 59 5.88 -39.49 -6.21
CA GLY C 59 4.45 -39.58 -6.42
C GLY C 59 4.09 -39.79 -7.88
N GLN C 60 2.85 -40.23 -8.11
CA GLN C 60 2.36 -40.39 -9.45
C GLN C 60 2.22 -39.01 -10.10
N PRO C 61 2.33 -38.91 -11.43
CA PRO C 61 2.25 -37.59 -12.06
C PRO C 61 0.98 -36.82 -11.76
N ASN C 62 -0.16 -37.50 -11.62
CA ASN C 62 -1.39 -36.79 -11.25
C ASN C 62 -1.30 -36.25 -9.83
N ARG C 63 -0.76 -37.02 -8.89
CA ARG C 63 -0.65 -36.60 -7.51
C ARG C 63 0.51 -35.62 -7.34
N GLY C 64 0.43 -34.83 -6.27
CA GLY C 64 1.51 -33.95 -5.88
C GLY C 64 1.83 -32.88 -6.92
N LEU C 65 3.10 -32.52 -6.99
CA LEU C 65 3.59 -31.47 -7.88
C LEU C 65 4.44 -32.13 -8.95
N HIS C 66 3.83 -32.36 -10.12
CA HIS C 66 4.48 -33.07 -11.22
C HIS C 66 5.10 -34.37 -10.71
N GLY C 67 4.40 -35.03 -9.81
CA GLY C 67 4.87 -36.27 -9.23
C GLY C 67 5.73 -36.14 -7.98
N PHE C 68 6.04 -34.93 -7.55
CA PHE C 68 6.80 -34.72 -6.32
C PHE C 68 5.83 -34.35 -5.20
N MET C 69 5.81 -35.18 -4.15
CA MET C 69 4.96 -34.91 -3.01
C MET C 69 5.51 -33.75 -2.19
N PRO C 70 4.67 -33.10 -1.38
CA PRO C 70 5.21 -32.05 -0.49
C PRO C 70 6.27 -32.57 0.48
N GLU C 71 6.11 -33.80 0.98
CA GLU C 71 7.02 -34.31 1.99
C GLU C 71 8.43 -34.56 1.44
N ASP C 72 8.55 -35.18 0.26
CA ASP C 72 9.89 -35.36 -0.29
C ASP C 72 10.53 -34.02 -0.63
N ILE C 73 9.72 -33.04 -1.03
CA ILE C 73 10.23 -31.68 -1.25
C ILE C 73 10.77 -31.10 0.05
N LYS C 74 10.06 -31.32 1.16
CA LYS C 74 10.56 -30.84 2.45
C LYS C 74 11.88 -31.52 2.82
N ARG C 75 11.97 -32.83 2.60
CA ARG C 75 13.22 -33.54 2.90
C ARG C 75 14.36 -33.04 2.02
N GLU C 76 14.08 -32.78 0.75
CA GLU C 76 15.09 -32.23 -0.15
C GLU C 76 15.50 -30.84 0.30
N ALA C 77 14.57 -30.05 0.81
CA ALA C 77 14.91 -28.73 1.33
C ALA C 77 15.81 -28.82 2.55
N VAL C 78 15.55 -29.78 3.45
CA VAL C 78 16.42 -29.96 4.60
C VAL C 78 17.82 -30.34 4.14
N ARG C 79 17.92 -31.29 3.20
CA ARG C 79 19.23 -31.70 2.72
C ARG C 79 19.93 -30.58 1.97
N ALA C 80 19.16 -29.70 1.32
CA ALA C 80 19.76 -28.58 0.61
C ALA C 80 20.27 -27.53 1.59
N SER C 81 19.51 -27.27 2.65
CA SER C 81 19.98 -26.36 3.68
C SER C 81 21.21 -26.93 4.37
N LYS C 82 21.43 -28.24 4.27
CA LYS C 82 22.64 -28.82 4.83
C LYS C 82 23.89 -28.42 4.05
N LYS C 83 23.74 -27.98 2.80
CA LYS C 83 24.88 -27.74 1.90
C LYS C 83 24.85 -26.30 1.38
N ILE C 84 25.85 -25.96 0.55
CA ILE C 84 26.17 -24.58 0.24
C ILE C 84 26.48 -24.40 -1.25
N CYS C 85 26.10 -23.22 -1.77
CA CYS C 85 26.23 -22.90 -3.19
C CYS C 85 27.70 -22.75 -3.61
N PHE C 86 27.97 -23.15 -4.86
CA PHE C 86 29.29 -22.94 -5.46
C PHE C 86 29.58 -21.46 -5.67
N VAL C 87 28.57 -20.69 -6.04
CA VAL C 87 28.75 -19.30 -6.48
C VAL C 87 28.37 -18.29 -5.39
N CYS C 88 27.69 -18.72 -4.33
CA CYS C 88 27.21 -17.79 -3.31
C CYS C 88 27.84 -17.99 -1.94
N LYS C 89 28.45 -19.14 -1.65
CA LYS C 89 28.96 -19.50 -0.34
C LYS C 89 27.87 -19.53 0.72
N LYS C 90 26.60 -19.50 0.31
CA LYS C 90 25.46 -19.53 1.21
C LYS C 90 24.74 -20.87 1.08
N LYS C 91 24.03 -21.22 2.15
CA LYS C 91 23.33 -22.50 2.21
C LYS C 91 22.11 -22.49 1.30
N GLY C 92 21.48 -23.66 1.16
CA GLY C 92 20.29 -23.81 0.35
C GLY C 92 20.50 -24.42 -1.02
N ALA C 93 21.74 -24.75 -1.38
CA ALA C 93 22.01 -25.35 -2.67
C ALA C 93 21.62 -26.82 -2.69
N ALA C 94 20.93 -27.23 -3.76
CA ALA C 94 20.55 -28.62 -3.95
C ALA C 94 21.10 -29.23 -5.23
N ILE C 95 21.55 -28.42 -6.19
CA ILE C 95 22.09 -28.95 -7.43
C ILE C 95 23.53 -29.40 -7.17
N ARG C 96 23.78 -30.68 -7.38
CA ARG C 96 25.01 -31.35 -6.96
C ARG C 96 25.67 -31.95 -8.20
N CYS C 97 26.74 -31.29 -8.72
CA CYS C 97 27.51 -31.78 -9.92
C CYS C 97 27.65 -33.27 -9.84
N GLN C 98 27.11 -33.98 -10.82
CA GLN C 98 27.07 -35.43 -10.72
C GLN C 98 28.31 -36.19 -11.14
N ASN C 99 29.46 -35.51 -11.14
CA ASN C 99 30.72 -36.19 -11.41
C ASN C 99 31.17 -36.75 -10.08
N ASP C 100 31.66 -38.00 -10.05
CA ASP C 100 31.92 -38.61 -8.75
C ASP C 100 33.02 -38.00 -7.90
N GLN C 101 33.74 -37.09 -8.51
CA GLN C 101 34.74 -36.41 -7.75
C GLN C 101 34.18 -35.11 -7.24
N CYS C 102 34.00 -34.13 -8.11
CA CYS C 102 33.62 -32.81 -7.64
C CYS C 102 32.35 -32.80 -6.86
N VAL C 103 32.31 -31.94 -5.87
CA VAL C 103 31.15 -31.94 -5.03
C VAL C 103 30.91 -30.51 -4.66
N GLN C 104 30.48 -29.76 -5.64
CA GLN C 104 30.14 -28.41 -5.32
C GLN C 104 28.69 -28.44 -5.52
N ASN C 105 28.03 -27.86 -4.57
CA ASN C 105 26.63 -27.77 -4.72
C ASN C 105 26.48 -26.34 -5.09
N PHE C 106 25.46 -26.04 -5.84
CA PHE C 106 25.18 -24.70 -6.32
C PHE C 106 23.69 -24.54 -6.60
N HIS C 107 23.27 -23.29 -6.76
CA HIS C 107 21.89 -22.99 -7.14
C HIS C 107 21.75 -23.01 -8.65
N LEU C 108 20.51 -23.22 -9.11
CA LEU C 108 20.25 -23.25 -10.55
C LEU C 108 20.56 -21.94 -11.27
N PRO C 109 20.04 -20.77 -10.85
CA PRO C 109 20.45 -19.54 -11.54
C PRO C 109 21.93 -19.26 -11.43
N CYS C 110 22.52 -19.59 -10.27
CA CYS C 110 23.94 -19.40 -10.07
C CYS C 110 24.74 -20.26 -11.03
N GLY C 111 24.38 -21.54 -11.15
CA GLY C 111 25.04 -22.41 -12.11
C GLY C 111 24.86 -21.95 -13.54
N GLN C 112 23.67 -21.46 -13.87
CA GLN C 112 23.45 -20.92 -15.22
C GLN C 112 24.36 -19.74 -15.50
N GLU C 113 24.49 -18.81 -14.55
CA GLU C 113 25.34 -17.65 -14.77
C GLU C 113 26.82 -18.03 -14.81
N ARG C 114 27.26 -18.92 -13.92
CA ARG C 114 28.68 -19.24 -13.81
C ARG C 114 29.16 -20.24 -14.84
N GLY C 115 28.25 -20.84 -15.63
CA GLY C 115 28.63 -21.74 -16.69
C GLY C 115 28.35 -23.20 -16.44
N CYS C 116 27.58 -23.55 -15.40
CA CYS C 116 27.23 -24.93 -15.18
C CYS C 116 26.19 -25.39 -16.20
N LEU C 117 26.13 -26.70 -16.42
CA LEU C 117 25.24 -27.28 -17.40
C LEU C 117 24.38 -28.35 -16.73
N SER C 118 23.09 -28.35 -17.06
CA SER C 118 22.14 -29.29 -16.49
C SER C 118 21.46 -30.06 -17.62
N GLN C 119 21.50 -31.38 -17.53
CA GLN C 119 20.88 -32.23 -18.54
C GLN C 119 19.38 -32.37 -18.27
N PHE C 120 18.62 -32.61 -19.34
CA PHE C 120 17.17 -32.74 -19.27
C PHE C 120 16.71 -34.06 -19.87
N PHE C 121 17.51 -35.12 -19.67
CA PHE C 121 17.12 -36.47 -20.07
C PHE C 121 17.63 -37.45 -19.03
N GLY C 122 16.90 -38.54 -18.85
CA GLY C 122 17.31 -39.58 -17.93
C GLY C 122 17.32 -39.12 -16.48
N GLU C 123 18.50 -39.19 -15.84
CA GLU C 123 18.63 -38.86 -14.43
C GLU C 123 18.46 -37.37 -14.14
N TYR C 124 18.40 -36.53 -15.18
CA TYR C 124 18.34 -35.08 -15.03
C TYR C 124 19.50 -34.58 -14.16
N LYS C 125 20.70 -34.91 -14.63
CA LYS C 125 21.94 -34.67 -13.89
C LYS C 125 22.62 -33.40 -14.38
N SER C 126 23.17 -32.65 -13.44
CA SER C 126 23.85 -31.40 -13.75
C SER C 126 25.36 -31.59 -13.76
N TYR C 127 26.06 -30.55 -14.21
CA TYR C 127 27.51 -30.57 -14.32
C TYR C 127 28.06 -29.17 -14.15
N CYS C 128 29.27 -29.09 -13.63
CA CYS C 128 29.91 -27.81 -13.43
C CYS C 128 30.69 -27.38 -14.64
N ARG C 129 31.22 -26.16 -14.59
CA ARG C 129 31.93 -25.63 -15.75
C ARG C 129 33.13 -26.51 -16.09
N LYS C 130 33.84 -27.01 -15.07
CA LYS C 130 34.99 -27.87 -15.32
C LYS C 130 34.55 -29.18 -15.99
N HIS C 131 33.51 -29.78 -15.43
CA HIS C 131 33.03 -31.08 -15.93
C HIS C 131 31.88 -30.97 -16.89
N ARG C 132 32.03 -30.21 -17.96
CA ARG C 132 30.88 -30.04 -18.83
C ARG C 132 31.10 -30.74 -20.16
N PRO C 133 30.04 -31.27 -20.77
CA PRO C 133 30.17 -31.83 -22.11
C PRO C 133 30.67 -30.77 -23.09
N THR C 134 31.50 -31.22 -24.04
CA THR C 134 32.18 -30.33 -24.95
C THR C 134 32.21 -30.97 -26.32
N GLN C 135 32.35 -30.13 -27.35
CA GLN C 135 32.23 -30.56 -28.73
C GLN C 135 33.50 -30.26 -29.54
N ASN C 136 33.83 -31.19 -30.43
CA ASN C 136 35.01 -31.10 -31.29
C ASN C 136 34.68 -30.24 -32.52
N ILE C 137 34.34 -28.98 -32.25
CA ILE C 137 33.85 -28.07 -33.29
C ILE C 137 34.76 -28.03 -34.52
N GLU C 145 30.32 -18.04 -38.89
CA GLU C 145 29.42 -17.42 -39.86
C GLU C 145 28.24 -16.75 -39.17
N SER C 146 27.03 -17.19 -39.49
CA SER C 146 25.82 -16.60 -38.95
C SER C 146 24.91 -17.67 -38.39
N CYS C 147 24.11 -17.29 -37.41
CA CYS C 147 23.07 -18.16 -36.86
C CYS C 147 21.84 -18.10 -37.75
N VAL C 148 21.46 -19.24 -38.33
CA VAL C 148 20.34 -19.26 -39.26
C VAL C 148 19.05 -18.80 -38.57
N LEU C 149 18.92 -19.09 -37.28
CA LEU C 149 17.69 -18.76 -36.58
C LEU C 149 17.52 -17.26 -36.40
N CYS C 150 18.55 -16.58 -35.91
CA CYS C 150 18.47 -15.15 -35.61
C CYS C 150 19.11 -14.26 -36.68
N CYS C 151 19.70 -14.85 -37.71
CA CYS C 151 20.36 -14.10 -38.79
C CYS C 151 21.36 -13.09 -38.23
N GLU C 152 22.19 -13.56 -37.31
CA GLU C 152 23.20 -12.72 -36.67
C GLU C 152 24.53 -13.47 -36.61
N ASN C 153 25.60 -12.71 -36.48
CA ASN C 153 26.95 -13.27 -36.43
C ASN C 153 27.10 -14.23 -35.25
N LEU C 154 27.75 -15.35 -35.51
CA LEU C 154 27.95 -16.35 -34.47
C LEU C 154 28.97 -15.85 -33.46
N SER C 155 28.73 -16.15 -32.19
CA SER C 155 29.58 -15.63 -31.12
C SER C 155 30.95 -16.31 -31.16
N ARG C 156 31.94 -15.63 -30.58
CA ARG C 156 33.28 -16.19 -30.51
C ARG C 156 33.49 -17.06 -29.27
N THR C 157 32.55 -17.04 -28.33
CA THR C 157 32.63 -17.90 -27.16
C THR C 157 32.08 -19.27 -27.52
N SER C 158 32.80 -20.34 -27.18
CA SER C 158 32.35 -21.67 -27.55
C SER C 158 31.27 -22.23 -26.63
N VAL C 159 31.04 -21.63 -25.45
CA VAL C 159 29.98 -22.14 -24.59
C VAL C 159 28.61 -21.71 -25.11
N GLU C 160 28.53 -20.59 -25.81
CA GLU C 160 27.26 -20.03 -26.27
C GLU C 160 26.86 -20.53 -27.65
N ASN C 161 27.64 -21.44 -28.24
CA ASN C 161 27.37 -21.97 -29.57
C ASN C 161 27.19 -23.47 -29.49
N ILE C 162 26.18 -23.99 -30.20
CA ILE C 162 25.87 -25.41 -30.23
C ILE C 162 25.92 -25.85 -31.67
N GLN C 163 26.40 -27.06 -31.91
CA GLN C 163 26.60 -27.55 -33.26
C GLN C 163 25.74 -28.79 -33.49
N SER C 164 25.11 -28.85 -34.65
CA SER C 164 24.26 -29.98 -34.98
C SER C 164 25.10 -31.22 -35.25
N PRO C 165 24.69 -32.38 -34.74
CA PRO C 165 25.44 -33.62 -35.01
C PRO C 165 25.05 -34.32 -36.30
N CYS C 166 24.04 -33.77 -36.96
CA CYS C 166 23.56 -34.35 -38.18
C CYS C 166 23.77 -33.45 -39.36
N CYS C 167 23.88 -34.07 -40.52
CA CYS C 167 23.97 -33.29 -41.76
C CYS C 167 25.01 -32.21 -41.66
N SER C 168 24.64 -31.03 -42.09
CA SER C 168 25.52 -29.92 -41.96
C SER C 168 25.75 -29.73 -40.51
N GLN C 169 26.98 -29.91 -40.08
CA GLN C 169 27.27 -29.55 -38.70
C GLN C 169 27.23 -28.03 -38.60
N ALA C 170 26.01 -27.51 -38.42
CA ALA C 170 25.82 -26.08 -38.40
C ALA C 170 25.85 -25.61 -36.95
N ILE C 171 25.98 -24.31 -36.77
CA ILE C 171 26.17 -23.72 -35.44
C ILE C 171 25.06 -22.72 -35.18
N TYR C 172 24.47 -22.81 -34.00
CA TYR C 172 23.34 -21.99 -33.61
C TYR C 172 23.62 -21.49 -32.19
N HIS C 173 23.10 -20.30 -31.88
CA HIS C 173 23.23 -19.79 -30.53
C HIS C 173 22.50 -20.68 -29.54
N ARG C 174 23.11 -20.88 -28.36
CA ARG C 174 22.49 -21.68 -27.33
C ARG C 174 21.14 -21.08 -26.92
N LYS C 175 21.07 -19.76 -26.78
CA LYS C 175 19.80 -19.11 -26.49
C LYS C 175 18.79 -19.35 -27.61
N CYS C 176 19.24 -19.26 -28.86
CA CYS C 176 18.36 -19.51 -30.00
C CYS C 176 17.85 -20.95 -29.99
N ILE C 177 18.73 -21.91 -29.75
CA ILE C 177 18.32 -23.31 -29.68
C ILE C 177 17.33 -23.53 -28.55
N GLN C 178 17.50 -22.85 -27.46
CA GLN C 178 16.59 -23.19 -26.40
C GLN C 178 15.27 -22.57 -26.65
N LYS C 179 15.30 -21.35 -27.16
CA LYS C 179 14.02 -20.75 -27.49
C LYS C 179 13.27 -21.58 -28.53
N TYR C 180 13.98 -22.12 -29.51
CA TYR C 180 13.38 -23.05 -30.46
C TYR C 180 12.84 -24.29 -29.76
N ALA C 181 13.53 -24.74 -28.70
CA ALA C 181 13.08 -25.91 -27.96
C ALA C 181 11.83 -25.60 -27.16
N HIS C 182 11.81 -24.47 -26.45
CA HIS C 182 10.62 -24.10 -25.68
C HIS C 182 9.42 -23.87 -26.59
N THR C 183 9.62 -23.13 -27.70
CA THR C 183 8.49 -22.82 -28.57
C THR C 183 8.06 -24.05 -29.36
N SER C 184 8.96 -24.58 -30.19
CA SER C 184 8.69 -25.82 -30.92
C SER C 184 8.93 -26.98 -29.96
N ALA C 185 7.84 -27.67 -29.59
CA ALA C 185 7.92 -28.70 -28.56
C ALA C 185 8.69 -29.91 -29.07
N LYS C 186 8.74 -30.96 -28.24
CA LYS C 186 9.46 -32.17 -28.59
C LYS C 186 8.91 -32.76 -29.89
N HIS C 187 7.60 -32.71 -30.07
CA HIS C 187 6.99 -33.26 -31.27
C HIS C 187 7.47 -32.57 -32.53
N PHE C 188 7.95 -31.33 -32.42
CA PHE C 188 8.38 -30.55 -33.58
C PHE C 188 9.83 -30.06 -33.44
N PHE C 189 10.55 -30.50 -32.41
CA PHE C 189 11.96 -30.13 -32.26
C PHE C 189 12.79 -31.01 -33.18
N LYS C 190 13.48 -30.38 -34.13
CA LYS C 190 14.22 -31.09 -35.16
C LYS C 190 15.35 -30.23 -35.67
N CYS C 191 16.21 -30.83 -36.48
CA CYS C 191 17.29 -30.09 -37.11
C CYS C 191 16.71 -28.98 -37.99
N PRO C 192 17.18 -27.75 -37.85
CA PRO C 192 16.62 -26.66 -38.67
C PRO C 192 16.79 -26.88 -40.17
N GLN C 193 17.74 -27.72 -40.59
CA GLN C 193 17.99 -27.92 -42.02
C GLN C 193 17.39 -29.22 -42.55
N CYS C 194 17.77 -30.36 -41.98
CA CYS C 194 17.29 -31.66 -42.47
C CYS C 194 16.15 -32.23 -41.66
N ASN C 195 15.73 -31.54 -40.59
CA ASN C 195 14.63 -32.01 -39.73
C ASN C 195 14.95 -33.35 -39.07
N ASN C 196 16.18 -33.50 -38.60
CA ASN C 196 16.56 -34.71 -37.87
C ASN C 196 15.82 -34.80 -36.54
N ARG C 197 15.35 -36.01 -36.21
CA ARG C 197 14.65 -36.24 -34.97
C ARG C 197 15.28 -37.35 -34.14
N GLU C 198 16.45 -37.86 -34.52
CA GLU C 198 17.10 -38.95 -33.80
C GLU C 198 18.41 -38.53 -33.16
N GLU C 199 19.36 -38.02 -33.94
CA GLU C 199 20.65 -37.62 -33.39
C GLU C 199 20.65 -36.18 -32.88
N PHE C 200 19.97 -35.29 -33.59
CA PHE C 200 19.93 -33.88 -33.17
C PHE C 200 19.27 -33.70 -31.82
N PRO C 201 18.06 -34.23 -31.55
CA PRO C 201 17.49 -34.05 -30.20
C PRO C 201 18.34 -34.67 -29.10
N GLN C 202 18.96 -35.82 -29.37
CA GLN C 202 19.81 -36.45 -28.36
C GLN C 202 21.03 -35.59 -28.05
N GLU C 203 21.70 -35.08 -29.08
CA GLU C 203 22.84 -34.20 -28.87
C GLU C 203 22.43 -32.93 -28.12
N MET C 204 21.27 -32.38 -28.44
CA MET C 204 20.80 -31.21 -27.71
C MET C 204 20.55 -31.53 -26.24
N LEU C 205 19.92 -32.68 -25.97
CA LEU C 205 19.70 -33.11 -24.60
C LEU C 205 21.03 -33.27 -23.85
N ARG C 206 22.02 -33.87 -24.50
CA ARG C 206 23.32 -34.06 -23.85
C ARG C 206 24.01 -32.73 -23.56
N MET C 207 23.75 -31.71 -24.38
CA MET C 207 24.33 -30.40 -24.21
C MET C 207 23.49 -29.49 -23.32
N GLY C 208 22.53 -30.04 -22.60
CA GLY C 208 21.76 -29.26 -21.64
C GLY C 208 20.69 -28.38 -22.27
N ILE C 209 19.89 -28.96 -23.15
CA ILE C 209 18.78 -28.25 -23.78
C ILE C 209 17.49 -28.90 -23.33
N HIS C 210 16.58 -28.09 -22.79
CA HIS C 210 15.28 -28.59 -22.34
C HIS C 210 14.38 -28.84 -23.53
N ILE C 211 13.93 -30.08 -23.70
CA ILE C 211 13.01 -30.44 -24.77
C ILE C 211 11.69 -30.82 -24.12
N PRO C 212 10.84 -29.87 -23.75
CA PRO C 212 9.61 -30.21 -23.05
C PRO C 212 8.66 -31.01 -23.94
N ASP C 213 7.91 -31.90 -23.30
CA ASP C 213 6.94 -32.74 -24.02
C ASP C 213 5.56 -32.09 -23.89
N ARG C 214 5.30 -31.14 -24.78
CA ARG C 214 4.04 -30.42 -24.82
C ARG C 214 3.65 -30.26 -26.29
N ASP C 215 2.73 -29.34 -26.57
CA ASP C 215 2.39 -29.02 -27.94
C ASP C 215 3.01 -27.68 -28.32
N ALA C 216 3.07 -27.43 -29.63
CA ALA C 216 3.72 -26.24 -30.13
C ALA C 216 3.05 -24.98 -29.59
N ALA C 217 3.85 -23.93 -29.44
CA ALA C 217 3.34 -22.70 -28.82
C ALA C 217 2.22 -22.09 -29.64
N TRP C 218 2.36 -22.10 -30.97
CA TRP C 218 1.29 -21.57 -31.82
C TRP C 218 0.02 -22.41 -31.72
N GLU C 219 0.15 -23.70 -31.37
CA GLU C 219 -1.03 -24.52 -31.12
C GLU C 219 -1.65 -24.19 -29.77
N LEU C 220 -0.84 -23.83 -28.78
CA LEU C 220 -1.31 -23.65 -27.41
C LEU C 220 -2.08 -22.35 -27.21
N GLU C 221 -1.80 -21.33 -28.02
CA GLU C 221 -2.37 -20.01 -27.79
C GLU C 221 -3.89 -20.07 -27.85
N PRO C 222 -4.60 -19.29 -27.01
CA PRO C 222 -6.06 -19.42 -26.94
C PRO C 222 -6.75 -19.12 -28.25
N GLY C 223 -6.18 -18.21 -29.06
CA GLY C 223 -6.74 -17.97 -30.38
C GLY C 223 -6.68 -19.20 -31.26
N ALA C 224 -5.62 -19.99 -31.12
CA ALA C 224 -5.42 -21.25 -31.86
C ALA C 224 -5.47 -20.92 -33.35
N PHE C 225 -6.25 -21.64 -34.14
CA PHE C 225 -6.39 -21.40 -35.57
C PHE C 225 -7.86 -21.33 -35.95
N SER C 226 -8.60 -20.50 -35.21
CA SER C 226 -10.03 -20.34 -35.45
C SER C 226 -10.32 -19.88 -36.87
N GLU C 227 -9.36 -19.24 -37.53
CA GLU C 227 -9.53 -18.91 -38.94
C GLU C 227 -9.86 -20.17 -39.75
N LEU C 228 -9.11 -21.25 -39.49
CA LEU C 228 -9.32 -22.51 -40.18
C LEU C 228 -10.54 -23.27 -39.68
N TYR C 229 -10.99 -22.99 -38.46
CA TYR C 229 -12.09 -23.75 -37.88
C TYR C 229 -13.45 -23.06 -38.03
N GLN C 230 -13.49 -21.85 -38.58
CA GLN C 230 -14.76 -21.20 -38.84
C GLN C 230 -15.26 -21.60 -40.22
N ARG C 231 -16.56 -21.85 -40.31
CA ARG C 231 -17.23 -22.14 -41.57
C ARG C 231 -18.46 -21.25 -41.66
N TYR C 232 -18.86 -20.93 -42.90
CA TYR C 232 -19.93 -19.97 -43.09
C TYR C 232 -21.26 -20.57 -42.63
N ARG C 233 -21.91 -19.91 -41.67
CA ARG C 233 -23.21 -20.31 -41.16
C ARG C 233 -24.07 -19.05 -41.09
N HIS C 234 -24.73 -18.75 -42.20
CA HIS C 234 -25.59 -17.58 -42.30
C HIS C 234 -26.54 -17.82 -43.46
N CYS C 235 -27.80 -17.42 -43.28
CA CYS C 235 -28.80 -17.58 -44.33
C CYS C 235 -28.82 -16.37 -45.25
N ASP C 236 -28.51 -16.60 -46.52
CA ASP C 236 -28.46 -15.55 -47.53
C ASP C 236 -29.72 -15.50 -48.38
N ALA C 237 -30.79 -16.15 -47.93
CA ALA C 237 -32.06 -16.11 -48.63
C ALA C 237 -32.60 -14.68 -48.64
N PRO C 238 -33.28 -14.28 -49.71
CA PRO C 238 -33.81 -12.90 -49.75
C PRO C 238 -34.71 -12.56 -48.58
N ILE C 239 -35.53 -13.49 -48.12
CA ILE C 239 -36.25 -13.37 -46.85
C ILE C 239 -36.01 -14.64 -46.06
N CYS C 240 -35.39 -14.51 -44.89
CA CYS C 240 -35.19 -15.64 -44.00
C CYS C 240 -36.46 -15.80 -43.17
N LEU C 241 -37.17 -16.90 -43.41
CA LEU C 241 -38.48 -17.16 -42.78
C LEU C 241 -38.45 -17.96 -41.50
N TYR C 242 -37.36 -17.91 -40.79
CA TYR C 242 -37.19 -18.61 -39.51
C TYR C 242 -37.00 -17.57 -38.41
N GLU C 243 -37.81 -17.69 -37.35
CA GLU C 243 -37.83 -16.67 -36.28
C GLU C 243 -36.55 -16.61 -35.46
N GLN C 244 -35.78 -17.68 -35.37
CA GLN C 244 -34.54 -17.64 -34.61
C GLN C 244 -33.41 -16.94 -35.36
N GLY C 245 -33.75 -16.25 -36.45
CA GLY C 245 -32.80 -15.42 -37.13
C GLY C 245 -32.13 -16.08 -38.32
N ARG C 246 -30.97 -15.53 -38.68
CA ARG C 246 -30.13 -16.04 -39.76
C ARG C 246 -28.87 -16.73 -39.27
N ASP C 247 -28.63 -16.77 -37.96
CA ASP C 247 -27.41 -17.33 -37.42
C ASP C 247 -27.65 -18.53 -36.51
N SER C 248 -28.85 -19.09 -36.52
CA SER C 248 -29.18 -20.26 -35.69
C SER C 248 -29.84 -21.30 -36.58
N PHE C 249 -29.10 -22.36 -36.92
CA PHE C 249 -29.64 -23.44 -37.73
C PHE C 249 -29.75 -24.80 -37.04
N GLU C 250 -30.94 -25.34 -36.83
CA GLU C 250 -31.12 -26.64 -36.21
C GLU C 250 -30.40 -27.65 -37.11
N ASP C 251 -29.77 -28.64 -36.47
CA ASP C 251 -28.96 -29.60 -37.21
C ASP C 251 -29.75 -30.32 -38.29
N GLU C 252 -30.90 -30.89 -37.95
CA GLU C 252 -31.79 -31.47 -38.94
C GLU C 252 -33.19 -30.86 -38.83
N GLY C 253 -34.08 -31.34 -39.69
CA GLY C 253 -35.39 -30.76 -39.86
C GLY C 253 -35.46 -29.88 -41.10
N ARG C 254 -36.64 -29.29 -41.30
CA ARG C 254 -36.81 -28.34 -42.39
C ARG C 254 -36.01 -27.06 -42.20
N TRP C 255 -35.39 -26.89 -41.04
CA TRP C 255 -34.62 -25.67 -40.78
C TRP C 255 -33.14 -25.91 -40.72
N ARG C 256 -32.68 -26.80 -41.57
CA ARG C 256 -31.26 -27.08 -41.62
C ARG C 256 -30.50 -25.97 -42.34
N LEU C 257 -29.18 -26.07 -42.28
CA LEU C 257 -28.30 -25.23 -43.10
C LEU C 257 -27.87 -26.01 -44.32
N ILE C 258 -27.93 -25.37 -45.48
CA ILE C 258 -27.44 -25.93 -46.73
C ILE C 258 -26.55 -24.87 -47.36
N LEU C 259 -25.43 -25.31 -47.92
CA LEU C 259 -24.44 -24.40 -48.47
C LEU C 259 -24.33 -24.60 -49.97
N CYS C 260 -23.85 -23.56 -50.65
CA CYS C 260 -23.72 -23.61 -52.10
C CYS C 260 -22.74 -24.68 -52.53
N ALA C 261 -23.15 -25.55 -53.45
CA ALA C 261 -22.33 -26.68 -53.85
C ALA C 261 -21.07 -26.26 -54.59
N THR C 262 -21.02 -25.02 -55.04
CA THR C 262 -19.81 -24.57 -55.69
C THR C 262 -18.94 -23.84 -54.72
N CYS C 263 -19.34 -22.64 -54.32
CA CYS C 263 -18.48 -21.82 -53.48
C CYS C 263 -18.51 -22.14 -52.01
N GLY C 264 -19.63 -22.62 -51.50
CA GLY C 264 -19.72 -22.81 -50.06
C GLY C 264 -19.69 -21.55 -49.24
N SER C 265 -19.46 -20.39 -49.86
CA SER C 265 -19.40 -19.13 -49.13
C SER C 265 -20.77 -18.61 -48.71
N HIS C 266 -21.83 -19.08 -49.35
CA HIS C 266 -23.19 -18.61 -49.05
C HIS C 266 -24.07 -19.80 -48.66
N GLY C 267 -24.99 -19.56 -47.71
CA GLY C 267 -25.83 -20.62 -47.20
C GLY C 267 -27.25 -20.15 -47.00
N THR C 268 -28.12 -21.13 -46.70
CA THR C 268 -29.54 -20.85 -46.53
C THR C 268 -30.17 -21.93 -45.67
N HIS C 269 -31.39 -21.66 -45.21
CA HIS C 269 -32.15 -22.70 -44.55
C HIS C 269 -32.75 -23.65 -45.59
N ARG C 270 -33.22 -24.80 -45.12
CA ARG C 270 -33.82 -25.78 -46.04
C ARG C 270 -35.12 -25.24 -46.63
N ASP C 271 -35.98 -24.67 -45.77
CA ASP C 271 -37.21 -24.09 -46.27
C ASP C 271 -36.97 -22.75 -46.97
N CYS C 272 -35.94 -22.02 -46.56
CA CYS C 272 -35.56 -20.81 -47.26
C CYS C 272 -35.05 -21.13 -48.66
N SER C 273 -35.30 -20.22 -49.59
CA SER C 273 -34.92 -20.38 -51.00
C SER C 273 -35.63 -21.63 -51.54
N SER C 274 -34.98 -22.35 -52.45
CA SER C 274 -35.58 -23.56 -53.00
C SER C 274 -35.59 -24.68 -51.96
N LEU C 275 -36.74 -25.31 -51.78
CA LEU C 275 -36.90 -26.38 -50.81
C LEU C 275 -37.43 -27.62 -51.53
N ARG C 276 -36.76 -28.76 -51.30
CA ARG C 276 -37.29 -30.06 -51.70
C ARG C 276 -36.45 -31.19 -51.12
N PRO C 277 -37.07 -32.33 -50.77
CA PRO C 277 -36.26 -33.46 -50.31
C PRO C 277 -35.37 -34.03 -51.40
N ASN C 278 -35.89 -34.14 -52.62
CA ASN C 278 -35.15 -34.76 -53.72
C ASN C 278 -34.06 -33.83 -54.24
N SER C 279 -34.36 -32.54 -54.37
CA SER C 279 -33.41 -31.57 -54.93
C SER C 279 -32.31 -31.34 -53.90
N LYS C 280 -31.31 -32.23 -53.92
CA LYS C 280 -30.25 -32.19 -52.92
C LYS C 280 -29.33 -30.98 -53.11
N LYS C 281 -28.98 -30.68 -54.35
CA LYS C 281 -28.00 -29.65 -54.65
C LYS C 281 -28.63 -28.27 -54.65
N TRP C 282 -27.85 -27.26 -54.27
CA TRP C 282 -28.30 -25.88 -54.26
C TRP C 282 -27.10 -24.98 -54.52
N GLU C 283 -27.37 -23.83 -55.14
CA GLU C 283 -26.34 -22.84 -55.43
C GLU C 283 -26.86 -21.46 -55.07
N CYS C 284 -25.91 -20.61 -54.66
CA CYS C 284 -26.24 -19.24 -54.28
C CYS C 284 -26.47 -18.34 -55.46
N ASN C 285 -27.11 -17.20 -55.21
CA ASN C 285 -27.48 -16.32 -56.32
C ASN C 285 -26.28 -15.77 -57.06
N GLU C 286 -25.13 -15.99 -56.52
CA GLU C 286 -24.02 -15.40 -57.16
C GLU C 286 -23.54 -16.44 -58.06
N CYS C 287 -23.24 -17.65 -57.61
CA CYS C 287 -22.75 -18.63 -58.60
C CYS C 287 -23.77 -18.87 -59.66
N LEU C 288 -25.02 -18.97 -59.24
CA LEU C 288 -26.08 -19.17 -60.20
C LEU C 288 -26.16 -17.87 -60.98
N ALA C 310 11.97 -10.19 -29.90
CA ALA C 310 11.46 -8.84 -30.08
C ALA C 310 12.31 -8.07 -31.08
N SER C 311 13.43 -7.52 -30.61
CA SER C 311 14.34 -6.82 -31.51
C SER C 311 14.98 -7.78 -32.50
N MET C 312 15.33 -8.99 -32.04
CA MET C 312 15.82 -10.00 -32.98
C MET C 312 14.79 -10.32 -34.04
N ALA C 313 13.50 -10.25 -33.69
CA ALA C 313 12.49 -10.64 -34.65
C ALA C 313 12.53 -9.69 -35.80
N LEU C 314 12.41 -8.42 -35.48
CA LEU C 314 12.35 -7.44 -36.52
C LEU C 314 13.61 -7.42 -37.33
N LYS C 315 14.74 -7.55 -36.66
CA LYS C 315 15.98 -7.62 -37.39
C LYS C 315 15.79 -8.64 -38.45
N ARG C 316 15.48 -9.84 -38.00
CA ARG C 316 15.29 -10.92 -38.96
C ARG C 316 14.31 -10.51 -40.06
N ILE C 317 13.24 -9.82 -39.69
CA ILE C 317 12.24 -9.41 -40.67
C ILE C 317 12.85 -8.45 -41.67
N HIS C 318 13.68 -7.52 -41.20
CA HIS C 318 14.34 -6.60 -42.11
C HIS C 318 15.27 -7.35 -43.05
N LYS C 319 16.00 -8.34 -42.50
CA LYS C 319 16.90 -9.15 -43.32
C LYS C 319 16.12 -9.93 -44.38
N GLU C 320 15.01 -10.54 -44.00
CA GLU C 320 14.19 -11.30 -44.94
C GLU C 320 13.59 -10.39 -46.01
N LEU C 321 13.21 -9.17 -45.61
CA LEU C 321 12.70 -8.20 -46.56
C LEU C 321 13.78 -7.88 -47.59
N ASN C 322 15.01 -7.68 -47.13
CA ASN C 322 16.09 -7.37 -48.06
C ASN C 322 16.36 -8.56 -48.98
N ASP C 323 16.34 -9.78 -48.44
CA ASP C 323 16.56 -10.96 -49.28
C ASP C 323 15.46 -11.07 -50.33
N LEU C 324 14.22 -10.78 -49.96
CA LEU C 324 13.10 -10.81 -50.88
C LEU C 324 13.30 -9.73 -51.95
N ALA C 325 13.93 -8.63 -51.54
CA ALA C 325 14.21 -7.50 -52.41
C ALA C 325 15.27 -7.86 -53.44
N ARG C 326 16.20 -8.75 -53.08
CA ARG C 326 17.30 -9.09 -53.98
C ARG C 326 16.84 -10.10 -55.05
N ASP C 327 16.02 -11.07 -54.65
CA ASP C 327 15.54 -12.16 -55.51
C ASP C 327 14.05 -12.47 -55.28
N PRO C 328 13.14 -11.85 -56.01
CA PRO C 328 11.70 -12.09 -55.69
C PRO C 328 11.34 -13.52 -56.05
N PRO C 329 10.59 -14.19 -55.14
CA PRO C 329 10.11 -15.57 -55.42
C PRO C 329 9.24 -15.74 -56.65
N ALA C 330 8.09 -15.09 -56.71
CA ALA C 330 7.20 -15.18 -57.82
C ALA C 330 6.75 -13.76 -58.14
N GLN C 331 7.70 -12.82 -58.24
CA GLN C 331 7.47 -11.51 -58.81
C GLN C 331 6.82 -10.69 -57.71
N CYS C 332 6.87 -11.21 -56.50
CA CYS C 332 6.25 -10.62 -55.32
C CYS C 332 6.93 -9.36 -54.85
N ARG C 333 6.14 -8.31 -54.73
CA ARG C 333 6.56 -7.06 -54.13
C ARG C 333 5.85 -6.95 -52.78
N ALA C 334 6.64 -6.70 -51.73
CA ALA C 334 6.14 -6.79 -50.36
C ALA C 334 6.73 -5.66 -49.53
N GLY C 335 5.98 -5.20 -48.54
CA GLY C 335 6.45 -4.16 -47.68
C GLY C 335 5.58 -3.91 -46.45
N PRO C 336 6.13 -3.17 -45.49
CA PRO C 336 5.40 -2.89 -44.26
C PRO C 336 4.16 -2.04 -44.51
N VAL C 337 3.15 -2.23 -43.67
CA VAL C 337 1.97 -1.37 -43.70
C VAL C 337 2.25 -0.17 -42.80
N GLY C 338 2.28 1.01 -43.41
CA GLY C 338 2.63 2.22 -42.69
C GLY C 338 4.03 2.03 -42.15
N ASP C 339 4.18 2.35 -40.88
CA ASP C 339 5.45 2.25 -40.17
C ASP C 339 5.52 0.99 -39.32
N ASP C 340 4.50 0.13 -39.41
CA ASP C 340 4.45 -1.09 -38.59
C ASP C 340 5.14 -2.22 -39.33
N MET C 341 6.31 -2.63 -38.80
CA MET C 341 7.15 -3.64 -39.42
C MET C 341 6.65 -5.06 -39.21
N PHE C 342 5.62 -5.25 -38.37
CA PHE C 342 5.12 -6.58 -38.06
C PHE C 342 3.86 -6.90 -38.86
N HIS C 343 3.42 -5.94 -39.67
CA HIS C 343 2.29 -6.11 -40.58
C HIS C 343 2.72 -5.72 -41.99
N TRP C 344 2.75 -6.69 -42.91
CA TRP C 344 3.19 -6.44 -44.27
C TRP C 344 2.02 -6.64 -45.22
N GLN C 345 2.05 -5.91 -46.33
CA GLN C 345 1.27 -6.21 -47.51
C GLN C 345 2.17 -6.72 -48.63
N ALA C 346 1.72 -7.78 -49.30
CA ALA C 346 2.43 -8.41 -50.39
C ALA C 346 1.54 -8.60 -51.62
N THR C 347 2.16 -8.75 -52.78
CA THR C 347 1.43 -9.05 -54.00
C THR C 347 2.11 -10.27 -54.63
N ILE C 348 1.30 -11.22 -55.10
CA ILE C 348 1.75 -12.39 -55.83
C ILE C 348 1.11 -12.43 -57.22
N MET C 349 1.93 -12.48 -58.26
CA MET C 349 1.44 -12.75 -59.60
C MET C 349 1.21 -14.26 -59.73
N GLY C 350 -0.02 -14.64 -60.09
CA GLY C 350 -0.42 -16.02 -60.23
C GLY C 350 0.56 -16.91 -60.98
N PRO C 351 0.88 -18.06 -60.38
CA PRO C 351 1.86 -18.98 -60.98
C PRO C 351 1.46 -19.46 -62.37
N ASN C 352 2.48 -19.64 -63.20
CA ASN C 352 2.32 -20.18 -64.54
C ASN C 352 1.75 -21.59 -64.50
N ASP C 353 0.95 -21.91 -65.54
CA ASP C 353 0.35 -23.23 -65.74
C ASP C 353 -0.70 -23.57 -64.69
N SER C 354 -1.36 -22.56 -64.14
CA SER C 354 -2.47 -22.76 -63.22
C SER C 354 -3.66 -21.95 -63.70
N PRO C 355 -4.86 -22.26 -63.20
CA PRO C 355 -6.05 -21.47 -63.59
C PRO C 355 -6.02 -20.06 -63.07
N TYR C 356 -4.99 -19.68 -62.31
CA TYR C 356 -4.88 -18.38 -61.68
C TYR C 356 -3.86 -17.51 -62.40
N GLN C 357 -3.29 -18.02 -63.49
CA GLN C 357 -2.26 -17.32 -64.25
C GLN C 357 -2.76 -15.97 -64.74
N GLY C 358 -1.95 -14.94 -64.52
CA GLY C 358 -2.25 -13.59 -64.94
C GLY C 358 -2.90 -12.74 -63.87
N GLY C 359 -3.42 -13.36 -62.82
CA GLY C 359 -4.05 -12.60 -61.75
C GLY C 359 -2.99 -12.12 -60.77
N VAL C 360 -3.18 -10.91 -60.25
CA VAL C 360 -2.36 -10.38 -59.17
C VAL C 360 -3.18 -10.39 -57.88
N PHE C 361 -2.74 -11.20 -56.92
CA PHE C 361 -3.43 -11.42 -55.65
C PHE C 361 -2.65 -10.74 -54.52
N PHE C 362 -3.35 -9.94 -53.72
CA PHE C 362 -2.74 -9.22 -52.61
C PHE C 362 -2.94 -10.03 -51.33
N LEU C 363 -1.90 -10.06 -50.50
CA LEU C 363 -1.93 -10.76 -49.21
C LEU C 363 -1.51 -9.86 -48.05
N THR C 364 -2.03 -10.19 -46.88
CA THR C 364 -1.59 -9.58 -45.63
C THR C 364 -0.81 -10.60 -44.82
N ILE C 365 0.29 -10.14 -44.21
CA ILE C 365 1.18 -10.95 -43.41
C ILE C 365 1.36 -10.29 -42.05
N HIS C 366 1.09 -11.03 -40.97
CA HIS C 366 1.36 -10.52 -39.64
C HIS C 366 2.41 -11.37 -38.96
N PHE C 367 3.52 -10.75 -38.55
CA PHE C 367 4.52 -11.55 -37.88
C PHE C 367 4.25 -11.54 -36.37
N PRO C 368 4.33 -12.69 -35.72
CA PRO C 368 4.27 -12.70 -34.26
C PRO C 368 5.53 -12.10 -33.63
N THR C 369 5.40 -11.75 -32.35
CA THR C 369 6.47 -11.08 -31.64
C THR C 369 7.68 -11.98 -31.45
N ASP C 370 7.51 -13.30 -31.55
CA ASP C 370 8.63 -14.22 -31.37
C ASP C 370 9.04 -14.84 -32.70
N TYR C 371 8.83 -14.12 -33.79
CA TYR C 371 9.30 -14.56 -35.10
C TYR C 371 10.82 -14.71 -35.04
N PRO C 372 11.39 -15.82 -35.53
CA PRO C 372 10.71 -16.75 -36.44
C PRO C 372 10.32 -18.02 -35.70
N PHE C 373 10.26 -17.94 -34.38
CA PHE C 373 10.01 -19.13 -33.58
C PHE C 373 8.56 -19.55 -33.66
N LYS C 374 7.67 -18.63 -34.03
CA LYS C 374 6.30 -18.95 -34.39
C LYS C 374 6.03 -18.53 -35.83
N PRO C 375 5.18 -19.25 -36.55
CA PRO C 375 4.92 -18.90 -37.95
C PRO C 375 4.17 -17.58 -38.05
N PRO C 376 4.39 -16.81 -39.11
CA PRO C 376 3.54 -15.65 -39.36
C PRO C 376 2.15 -16.08 -39.82
N LYS C 377 1.17 -15.21 -39.55
CA LYS C 377 -0.17 -15.38 -40.10
C LYS C 377 -0.28 -14.71 -41.47
N VAL C 378 -0.60 -15.50 -42.50
CA VAL C 378 -0.68 -15.01 -43.87
C VAL C 378 -2.08 -15.28 -44.40
N ALA C 379 -2.70 -14.27 -44.99
CA ALA C 379 -4.05 -14.44 -45.52
C ALA C 379 -4.26 -13.65 -46.80
N PHE C 380 -5.05 -14.24 -47.70
CA PHE C 380 -5.45 -13.58 -48.94
C PHE C 380 -6.46 -12.46 -48.68
N THR C 381 -6.22 -11.30 -49.27
CA THR C 381 -7.22 -10.25 -49.29
C THR C 381 -8.09 -10.31 -50.53
N THR C 382 -7.56 -10.86 -51.62
CA THR C 382 -8.29 -11.06 -52.86
C THR C 382 -9.01 -12.41 -52.86
N ARG C 383 -10.29 -12.40 -53.21
CA ARG C 383 -11.06 -13.64 -53.32
C ARG C 383 -10.50 -14.52 -54.43
N ILE C 384 -10.40 -15.82 -54.14
CA ILE C 384 -9.82 -16.78 -55.07
C ILE C 384 -10.58 -18.10 -54.96
N TYR C 385 -10.91 -18.69 -56.10
CA TYR C 385 -11.55 -19.99 -56.17
C TYR C 385 -10.51 -21.09 -56.01
N HIS C 386 -10.32 -21.52 -54.77
CA HIS C 386 -9.32 -22.53 -54.44
C HIS C 386 -9.85 -23.32 -53.26
N PRO C 387 -9.67 -24.65 -53.26
CA PRO C 387 -10.25 -25.45 -52.17
C PRO C 387 -9.66 -25.16 -50.81
N ASN C 388 -8.46 -24.60 -50.72
CA ASN C 388 -7.75 -24.45 -49.45
C ASN C 388 -7.71 -23.01 -48.96
N ILE C 389 -8.48 -22.13 -49.58
CA ILE C 389 -8.61 -20.73 -49.18
C ILE C 389 -10.10 -20.42 -49.14
N ASN C 390 -10.57 -19.96 -47.99
CA ASN C 390 -11.97 -19.71 -47.74
C ASN C 390 -12.34 -18.26 -48.07
N SER C 391 -13.64 -17.96 -47.96
CA SER C 391 -14.13 -16.67 -48.40
C SER C 391 -13.53 -15.52 -47.59
N ASN C 392 -13.05 -15.79 -46.38
CA ASN C 392 -12.39 -14.77 -45.58
C ASN C 392 -10.93 -14.59 -45.96
N GLY C 393 -10.39 -15.46 -46.81
CA GLY C 393 -9.03 -15.40 -47.27
C GLY C 393 -8.04 -16.23 -46.50
N SER C 394 -8.51 -16.99 -45.50
CA SER C 394 -7.63 -17.84 -44.72
C SER C 394 -7.12 -19.00 -45.56
N ILE C 395 -5.87 -19.39 -45.34
CA ILE C 395 -5.20 -20.40 -46.16
C ILE C 395 -4.86 -21.58 -45.27
N LYS C 396 -5.26 -22.79 -45.70
CA LYS C 396 -4.87 -24.01 -45.01
C LYS C 396 -3.60 -24.53 -45.67
N LEU C 397 -2.48 -23.97 -45.24
CA LEU C 397 -1.16 -24.34 -45.72
C LEU C 397 -0.37 -24.88 -44.55
N ASP C 398 0.18 -26.08 -44.72
CA ASP C 398 0.78 -26.81 -43.60
C ASP C 398 1.90 -26.02 -42.95
N ILE C 399 2.67 -25.24 -43.73
CA ILE C 399 3.85 -24.58 -43.20
C ILE C 399 3.51 -23.41 -42.29
N LEU C 400 2.25 -22.96 -42.27
CA LEU C 400 1.86 -21.89 -41.36
C LEU C 400 1.28 -22.42 -40.06
N ARG C 401 1.21 -23.74 -39.90
CA ARG C 401 0.65 -24.34 -38.71
C ARG C 401 1.57 -25.48 -38.26
N SER C 402 2.02 -26.29 -39.21
CA SER C 402 2.75 -27.51 -38.92
C SER C 402 4.03 -27.54 -39.74
N GLN C 403 4.92 -28.46 -39.39
CA GLN C 403 6.24 -28.57 -40.03
C GLN C 403 6.98 -27.25 -40.08
N TRP C 404 6.53 -26.25 -39.31
CA TRP C 404 7.22 -24.97 -39.28
C TRP C 404 8.62 -25.13 -38.71
N SER C 405 9.59 -24.48 -39.35
CA SER C 405 10.94 -24.39 -38.83
C SER C 405 11.36 -22.92 -38.77
N PRO C 406 11.93 -22.46 -37.65
CA PRO C 406 12.34 -21.05 -37.57
C PRO C 406 13.38 -20.67 -38.61
N ALA C 407 13.96 -21.65 -39.30
CA ALA C 407 14.93 -21.38 -40.36
C ALA C 407 14.22 -21.05 -41.66
N LEU C 408 12.92 -21.36 -41.74
CA LEU C 408 12.12 -21.04 -42.91
C LEU C 408 11.92 -19.52 -42.98
N THR C 409 11.95 -19.00 -44.20
CA THR C 409 11.71 -17.59 -44.43
C THR C 409 10.38 -17.35 -45.15
N ILE C 410 9.96 -16.09 -45.13
CA ILE C 410 8.73 -15.67 -45.80
C ILE C 410 8.79 -16.00 -47.29
N SER C 411 10.00 -15.95 -47.87
CA SER C 411 10.18 -16.31 -49.27
C SER C 411 9.77 -17.76 -49.50
N LYS C 412 10.18 -18.65 -48.59
CA LYS C 412 9.84 -20.06 -48.72
C LYS C 412 8.33 -20.24 -48.54
N VAL C 413 7.73 -19.45 -47.65
CA VAL C 413 6.28 -19.51 -47.45
C VAL C 413 5.56 -19.14 -48.75
N LEU C 414 5.98 -18.03 -49.36
CA LEU C 414 5.35 -17.58 -50.61
C LEU C 414 5.53 -18.62 -51.71
N LEU C 415 6.68 -19.28 -51.75
CA LEU C 415 6.89 -20.34 -52.75
C LEU C 415 5.95 -21.50 -52.48
N SER C 416 5.73 -21.83 -51.20
CA SER C 416 4.81 -22.89 -50.85
C SER C 416 3.38 -22.51 -51.24
N ILE C 417 3.02 -21.25 -51.07
CA ILE C 417 1.68 -20.81 -51.47
C ILE C 417 1.51 -20.91 -52.98
N CYS C 418 2.54 -20.57 -53.74
CA CYS C 418 2.47 -20.75 -55.19
C CYS C 418 2.29 -22.22 -55.57
N SER C 419 3.02 -23.10 -54.88
CA SER C 419 2.86 -24.53 -55.15
C SER C 419 1.45 -24.98 -54.80
N LEU C 420 0.92 -24.51 -53.68
CA LEU C 420 -0.45 -24.86 -53.31
C LEU C 420 -1.41 -24.39 -54.39
N LEU C 421 -1.17 -23.20 -54.95
CA LEU C 421 -2.03 -22.68 -56.01
C LEU C 421 -2.03 -23.65 -57.19
N CYS C 422 -0.89 -24.28 -57.46
CA CYS C 422 -0.82 -25.14 -58.64
C CYS C 422 -1.19 -26.59 -58.32
N ASP C 423 -0.96 -27.02 -57.08
CA ASP C 423 -1.21 -28.38 -56.61
C ASP C 423 -1.97 -28.36 -55.30
N PRO C 424 -3.29 -28.14 -55.33
CA PRO C 424 -4.05 -28.06 -54.08
C PRO C 424 -4.05 -29.38 -53.33
N ASN C 425 -4.42 -29.31 -52.05
CA ASN C 425 -4.60 -30.48 -51.18
C ASN C 425 -6.02 -30.77 -50.77
N PRO C 426 -6.79 -31.51 -51.59
CA PRO C 426 -8.21 -31.74 -51.29
C PRO C 426 -8.47 -32.62 -50.07
N ASP C 427 -7.47 -33.31 -49.52
CA ASP C 427 -7.71 -34.16 -48.34
C ASP C 427 -7.74 -33.35 -47.05
N ASP C 428 -7.29 -32.11 -47.11
CA ASP C 428 -7.36 -31.16 -46.00
C ASP C 428 -7.94 -29.91 -46.64
N PRO C 429 -9.18 -29.99 -47.14
CA PRO C 429 -9.71 -28.90 -47.98
C PRO C 429 -10.29 -27.66 -47.35
N LEU C 430 -10.95 -27.77 -46.20
CA LEU C 430 -11.37 -26.63 -45.37
C LEU C 430 -12.62 -26.06 -46.03
N VAL C 431 -12.72 -26.17 -47.35
CA VAL C 431 -13.92 -25.77 -48.09
C VAL C 431 -14.34 -27.03 -48.85
N PRO C 432 -15.22 -27.86 -48.31
CA PRO C 432 -15.53 -29.15 -48.99
C PRO C 432 -16.06 -29.07 -50.42
N GLU C 433 -16.87 -28.06 -50.76
CA GLU C 433 -17.44 -27.96 -52.11
C GLU C 433 -16.40 -27.83 -53.22
N ILE C 434 -15.40 -26.96 -53.02
CA ILE C 434 -14.41 -26.81 -54.08
C ILE C 434 -13.53 -28.05 -54.17
N ALA C 435 -13.18 -28.64 -53.03
CA ALA C 435 -12.40 -29.87 -53.09
C ALA C 435 -13.14 -30.94 -53.88
N ARG C 436 -14.46 -31.07 -53.64
CA ARG C 436 -15.22 -32.06 -54.40
C ARG C 436 -15.20 -31.75 -55.89
N ILE C 437 -15.33 -30.48 -56.26
CA ILE C 437 -15.31 -30.12 -57.67
C ILE C 437 -13.93 -30.41 -58.26
N TYR C 438 -12.88 -30.07 -57.52
CA TYR C 438 -11.50 -30.33 -57.93
C TYR C 438 -11.27 -31.81 -58.18
N LYS C 439 -11.82 -32.66 -57.32
CA LYS C 439 -11.58 -34.10 -57.39
C LYS C 439 -12.42 -34.77 -58.47
N THR C 440 -13.62 -34.25 -58.74
CA THR C 440 -14.58 -34.94 -59.59
C THR C 440 -14.71 -34.35 -61.00
N ASP C 441 -14.46 -33.05 -61.17
CA ASP C 441 -14.64 -32.36 -62.45
C ASP C 441 -13.57 -31.29 -62.63
N ARG C 442 -12.43 -31.69 -63.20
CA ARG C 442 -11.29 -30.78 -63.29
C ARG C 442 -11.59 -29.63 -64.23
N GLU C 443 -12.34 -29.90 -65.31
CA GLU C 443 -12.69 -28.84 -66.25
C GLU C 443 -13.52 -27.76 -65.58
N LYS C 444 -14.54 -28.17 -64.80
CA LYS C 444 -15.34 -27.18 -64.08
C LYS C 444 -14.52 -26.42 -63.06
N TYR C 445 -13.62 -27.10 -62.35
CA TYR C 445 -12.76 -26.41 -61.41
C TYR C 445 -11.93 -25.34 -62.11
N ASN C 446 -11.31 -25.70 -63.24
CA ASN C 446 -10.44 -24.75 -63.92
C ASN C 446 -11.24 -23.60 -64.52
N ARG C 447 -12.43 -23.89 -65.06
CA ARG C 447 -13.25 -22.83 -65.65
C ARG C 447 -13.66 -21.83 -64.57
N ILE C 448 -14.12 -22.32 -63.42
CA ILE C 448 -14.59 -21.42 -62.38
C ILE C 448 -13.41 -20.66 -61.77
N ALA C 449 -12.28 -21.34 -61.57
CA ALA C 449 -11.08 -20.67 -61.06
C ALA C 449 -10.65 -19.55 -62.01
N ARG C 450 -10.74 -19.79 -63.32
CA ARG C 450 -10.37 -18.79 -64.31
C ARG C 450 -11.34 -17.61 -64.26
N GLU C 451 -12.63 -17.91 -64.08
CA GLU C 451 -13.63 -16.86 -64.01
C GLU C 451 -13.39 -15.99 -62.77
N TRP C 452 -13.05 -16.63 -61.65
CA TRP C 452 -12.77 -15.90 -60.42
C TRP C 452 -11.51 -15.05 -60.57
N THR C 453 -10.46 -15.59 -61.19
CA THR C 453 -9.26 -14.80 -61.41
C THR C 453 -9.58 -13.54 -62.21
N GLN C 454 -10.38 -13.70 -63.28
CA GLN C 454 -10.78 -12.57 -64.10
C GLN C 454 -11.64 -11.57 -63.34
N LYS C 455 -12.46 -12.06 -62.41
CA LYS C 455 -13.44 -11.21 -61.73
C LYS C 455 -12.79 -10.42 -60.59
N TYR C 456 -11.99 -11.14 -59.85
CA TYR C 456 -11.44 -10.54 -58.69
C TYR C 456 -10.05 -10.14 -58.90
N ALA C 457 -9.21 -11.04 -59.33
CA ALA C 457 -7.85 -10.63 -59.45
C ALA C 457 -7.83 -9.58 -60.47
N MET C 458 -8.52 -9.83 -61.56
CA MET C 458 -8.59 -8.88 -62.65
C MET C 458 -7.35 -8.04 -62.77
#